data_8BYR
#
_entry.id   8BYR
#
_cell.length_a   91.295
_cell.length_b   105.560
_cell.length_c   106.913
_cell.angle_alpha   90.00
_cell.angle_beta   90.00
_cell.angle_gamma   90.00
#
_symmetry.space_group_name_H-M   'P 21 21 21'
#
loop_
_entity.id
_entity.type
_entity.pdbx_description
1 polymer 'Molybdopterin biosynthesis protein'
2 water water
#
_entity_poly.entity_id   1
_entity_poly.type   'polypeptide(L)'
_entity_poly.pdbx_seq_one_letter_code
;MEQPGELVGRALVIVVDDRTAHGEEDHSGPLVTELLGEAGFVVDGVVVVASDEVEIRNALNTAVIGGVDLVVSVGGTGVT
PRDVTPEATRELLDRELLGISEALRASGLAAGIVDAGLSRGLAGISGSTLVVNIAGSRAAVRDGMATLGPLAVQIIGQLS
SLEILEHHHHHH
;
_entity_poly.pdbx_strand_id   A,B,C,D,E,F
#
# COMPACT_ATOMS: atom_id res chain seq x y z
N VAL A 8 3.37 24.61 11.96
CA VAL A 8 2.80 25.80 12.65
C VAL A 8 2.99 27.02 11.76
N GLY A 9 1.89 27.69 11.47
CA GLY A 9 1.92 28.87 10.62
C GLY A 9 0.50 29.32 10.40
N ARG A 10 0.41 30.02 9.34
CA ARG A 10 -0.99 30.45 9.30
C ARG A 10 -1.63 29.95 7.98
N ALA A 11 -2.83 29.79 7.65
CA ALA A 11 -3.40 29.04 6.54
C ALA A 11 -4.73 29.67 6.10
N LEU A 12 -5.07 29.56 4.82
CA LEU A 12 -6.36 30.03 4.32
C LEU A 12 -7.04 28.87 3.60
N VAL A 13 -8.37 28.85 3.70
CA VAL A 13 -9.22 27.89 2.99
C VAL A 13 -9.99 28.61 1.87
N ILE A 14 -10.16 27.91 0.76
CA ILE A 14 -10.86 28.41 -0.41
C ILE A 14 -11.82 27.30 -0.82
N VAL A 15 -13.13 27.55 -0.65
CA VAL A 15 -14.12 26.60 -1.10
C VAL A 15 -14.60 26.97 -2.49
N VAL A 16 -14.55 26.02 -3.41
CA VAL A 16 -15.10 26.24 -4.77
C VAL A 16 -16.57 25.79 -4.76
N ASP A 17 -17.49 26.69 -5.12
CA ASP A 17 -18.93 26.36 -5.16
C ASP A 17 -19.38 26.26 -6.61
N ASP A 26 -21.02 24.45 1.77
CA ASP A 26 -20.35 23.22 1.30
C ASP A 26 -19.96 22.37 2.50
N HIS A 27 -20.06 22.93 3.72
CA HIS A 27 -19.74 22.19 4.97
C HIS A 27 -18.22 22.03 5.13
N SER A 28 -17.48 22.30 4.05
CA SER A 28 -16.01 22.10 4.06
C SER A 28 -15.30 23.18 4.88
N GLY A 29 -15.70 24.44 4.74
CA GLY A 29 -14.97 25.54 5.36
C GLY A 29 -14.79 25.35 6.86
N PRO A 30 -15.88 25.12 7.63
CA PRO A 30 -15.75 24.89 9.06
C PRO A 30 -14.89 23.66 9.38
N LEU A 31 -15.02 22.61 8.55
CA LEU A 31 -14.34 21.34 8.78
C LEU A 31 -12.82 21.42 8.52
N VAL A 32 -12.45 22.04 7.40
CA VAL A 32 -11.07 22.35 7.06
C VAL A 32 -10.43 23.25 8.12
N THR A 33 -11.21 24.23 8.61
CA THR A 33 -10.76 25.11 9.68
C THR A 33 -10.40 24.25 10.89
N GLU A 34 -11.27 23.29 11.22
CA GLU A 34 -11.07 22.45 12.40
C GLU A 34 -9.81 21.60 12.24
N LEU A 35 -9.68 20.90 11.10
CA LEU A 35 -8.57 19.96 10.95
C LEU A 35 -7.24 20.71 10.84
N LEU A 36 -7.30 21.91 10.21
CA LEU A 36 -6.17 22.80 10.09
C LEU A 36 -5.72 23.23 11.47
N GLY A 37 -6.72 23.50 12.32
CA GLY A 37 -6.47 23.84 13.71
C GLY A 37 -5.69 22.75 14.43
N GLU A 38 -6.16 21.49 14.28
CA GLU A 38 -5.50 20.35 14.91
C GLU A 38 -4.13 20.11 14.30
N ALA A 39 -3.93 20.45 13.02
CA ALA A 39 -2.58 20.29 12.48
C ALA A 39 -1.60 21.36 12.99
N GLY A 40 -2.09 22.44 13.63
CA GLY A 40 -1.22 23.43 14.24
C GLY A 40 -1.20 24.74 13.46
N PHE A 41 -2.34 25.10 12.89
CA PHE A 41 -2.44 26.23 11.99
C PHE A 41 -3.48 27.21 12.52
N VAL A 42 -3.17 28.49 12.41
CA VAL A 42 -4.15 29.56 12.55
C VAL A 42 -4.86 29.74 11.22
N VAL A 43 -6.19 29.73 11.23
CA VAL A 43 -6.91 29.83 9.99
C VAL A 43 -7.44 31.25 9.83
N ASP A 44 -6.75 32.05 9.01
CA ASP A 44 -7.06 33.45 8.80
C ASP A 44 -8.43 33.63 8.16
N GLY A 45 -9.00 32.59 7.56
CA GLY A 45 -10.39 32.65 7.15
C GLY A 45 -10.74 31.70 5.99
N VAL A 46 -12.01 31.75 5.58
CA VAL A 46 -12.58 30.95 4.52
C VAL A 46 -13.13 31.86 3.41
N VAL A 47 -12.67 31.62 2.20
CA VAL A 47 -13.07 32.39 1.05
C VAL A 47 -13.83 31.44 0.13
N VAL A 48 -15.08 31.78 -0.23
CA VAL A 48 -15.90 30.97 -1.13
C VAL A 48 -15.91 31.64 -2.49
N VAL A 49 -15.71 30.81 -3.52
CA VAL A 49 -15.57 31.32 -4.90
C VAL A 49 -16.33 30.36 -5.80
N ALA A 50 -16.59 30.77 -7.03
CA ALA A 50 -17.33 29.91 -7.97
C ALA A 50 -16.34 29.05 -8.74
N SER A 51 -16.82 28.03 -9.43
CA SER A 51 -15.92 27.21 -10.28
C SER A 51 -15.59 28.10 -11.47
N ASP A 52 -14.80 29.15 -11.25
CA ASP A 52 -14.38 30.07 -12.33
C ASP A 52 -12.86 30.12 -12.22
N GLU A 53 -12.18 29.75 -13.30
CA GLU A 53 -10.70 29.70 -13.28
C GLU A 53 -10.16 31.05 -12.83
N VAL A 54 -10.84 32.14 -13.20
CA VAL A 54 -10.25 33.42 -12.88
C VAL A 54 -10.59 33.77 -11.45
N GLU A 55 -11.82 33.45 -11.03
CA GLU A 55 -12.26 33.77 -9.68
C GLU A 55 -11.39 32.98 -8.68
N ILE A 56 -11.13 31.69 -8.96
CA ILE A 56 -10.27 30.86 -8.14
C ILE A 56 -8.79 31.32 -8.14
N ARG A 57 -8.24 31.55 -9.33
CA ARG A 57 -6.87 32.04 -9.43
C ARG A 57 -6.72 33.37 -8.69
N ASN A 58 -7.67 34.29 -8.88
CA ASN A 58 -7.62 35.56 -8.17
C ASN A 58 -7.57 35.27 -6.67
N ALA A 59 -8.39 34.33 -6.16
CA ALA A 59 -8.41 34.07 -4.71
C ALA A 59 -7.06 33.51 -4.23
N LEU A 60 -6.42 32.62 -5.02
CA LEU A 60 -5.15 32.01 -4.64
C LEU A 60 -4.04 33.07 -4.66
N ASN A 61 -3.97 33.81 -5.76
CA ASN A 61 -2.90 34.77 -5.92
C ASN A 61 -2.91 35.73 -4.74
N THR A 62 -4.11 36.25 -4.44
CA THR A 62 -4.34 37.24 -3.41
C THR A 62 -3.81 36.71 -2.08
N ALA A 63 -4.08 35.42 -1.82
CA ALA A 63 -3.63 34.75 -0.60
C ALA A 63 -2.10 34.65 -0.59
N VAL A 64 -1.47 34.30 -1.72
CA VAL A 64 -0.02 34.15 -1.75
C VAL A 64 0.65 35.48 -1.43
N ILE A 65 0.18 36.53 -2.09
CA ILE A 65 0.72 37.87 -1.91
C ILE A 65 0.59 38.27 -0.45
N GLY A 66 -0.47 37.83 0.20
CA GLY A 66 -0.79 38.20 1.57
C GLY A 66 0.06 37.49 2.60
N GLY A 67 0.75 36.40 2.21
CA GLY A 67 1.83 35.82 3.01
C GLY A 67 1.41 34.65 3.89
N VAL A 68 0.22 34.06 3.63
CA VAL A 68 -0.18 32.85 4.35
C VAL A 68 0.86 31.76 4.09
N ASP A 69 1.03 30.85 5.05
CA ASP A 69 2.00 29.77 4.89
C ASP A 69 1.38 28.68 4.01
N LEU A 70 0.05 28.53 4.14
CA LEU A 70 -0.66 27.40 3.57
C LEU A 70 -1.99 27.88 2.99
N VAL A 71 -2.28 27.43 1.77
CA VAL A 71 -3.60 27.61 1.15
C VAL A 71 -4.15 26.26 0.70
N VAL A 72 -5.28 25.87 1.29
CA VAL A 72 -6.00 24.66 0.89
C VAL A 72 -7.21 25.12 0.08
N SER A 73 -7.37 24.58 -1.12
CA SER A 73 -8.62 24.71 -1.86
C SER A 73 -9.43 23.46 -1.67
N VAL A 74 -10.73 23.53 -1.82
CA VAL A 74 -11.55 22.34 -1.74
C VAL A 74 -12.46 22.36 -2.96
N GLY A 75 -12.52 21.27 -3.71
CA GLY A 75 -13.43 21.16 -4.82
C GLY A 75 -12.83 21.64 -6.14
N GLY A 76 -13.42 21.19 -7.24
CA GLY A 76 -13.09 21.63 -8.58
C GLY A 76 -12.00 20.77 -9.24
N THR A 77 -11.90 19.51 -8.82
CA THR A 77 -10.77 18.65 -9.17
C THR A 77 -11.21 17.39 -9.91
N GLY A 78 -12.50 17.32 -10.27
CA GLY A 78 -13.04 16.19 -11.02
C GLY A 78 -12.94 16.43 -12.52
N VAL A 79 -13.79 15.74 -13.28
CA VAL A 79 -13.51 15.56 -14.70
C VAL A 79 -14.35 16.47 -15.57
N THR A 80 -15.49 16.94 -15.06
CA THR A 80 -16.41 17.73 -15.88
C THR A 80 -15.81 19.09 -16.18
N PRO A 81 -16.06 19.66 -17.38
CA PRO A 81 -15.59 21.01 -17.75
C PRO A 81 -15.76 22.16 -16.74
N ARG A 82 -16.67 22.03 -15.78
CA ARG A 82 -16.80 23.08 -14.79
C ARG A 82 -15.64 23.01 -13.79
N ASP A 83 -14.88 21.90 -13.80
CA ASP A 83 -13.87 21.63 -12.79
C ASP A 83 -12.51 22.23 -13.16
N VAL A 84 -12.27 23.48 -12.76
CA VAL A 84 -11.15 24.23 -13.29
C VAL A 84 -10.12 24.52 -12.19
N THR A 85 -10.19 23.84 -11.04
CA THR A 85 -9.30 24.21 -9.94
C THR A 85 -7.83 24.03 -10.34
N PRO A 86 -7.44 22.85 -10.88
CA PRO A 86 -6.06 22.60 -11.24
C PRO A 86 -5.51 23.68 -12.18
N GLU A 87 -6.26 24.01 -13.25
CA GLU A 87 -5.68 24.87 -14.26
C GLU A 87 -5.57 26.30 -13.69
N ALA A 88 -6.51 26.68 -12.83
CA ALA A 88 -6.36 27.90 -12.06
C ALA A 88 -5.04 27.87 -11.31
N THR A 89 -4.78 26.73 -10.65
CA THR A 89 -3.67 26.66 -9.71
C THR A 89 -2.33 26.66 -10.45
N ARG A 90 -2.25 26.01 -11.61
CA ARG A 90 -0.97 25.78 -12.26
C ARG A 90 -0.26 27.08 -12.65
N GLU A 91 -0.98 28.13 -13.02
CA GLU A 91 -0.38 29.41 -13.34
C GLU A 91 0.43 29.98 -12.17
N LEU A 92 0.09 29.55 -10.95
CA LEU A 92 0.59 30.23 -9.75
C LEU A 92 1.80 29.50 -9.17
N LEU A 93 2.06 28.28 -9.64
CA LEU A 93 3.07 27.42 -9.03
C LEU A 93 4.49 27.73 -9.53
N ASP A 94 5.42 28.03 -8.60
CA ASP A 94 6.82 28.20 -8.95
C ASP A 94 7.48 26.83 -9.05
N ARG A 95 7.05 25.91 -8.18
CA ARG A 95 7.50 24.52 -8.17
C ARG A 95 6.35 23.59 -7.76
N GLU A 96 6.36 22.37 -8.27
CA GLU A 96 5.32 21.40 -8.00
C GLU A 96 5.81 20.38 -6.98
N LEU A 97 4.87 19.95 -6.11
CA LEU A 97 5.05 18.87 -5.13
C LEU A 97 4.06 17.75 -5.42
N LEU A 98 4.33 16.99 -6.49
CA LEU A 98 3.66 15.75 -6.78
C LEU A 98 3.58 14.84 -5.56
N GLY A 99 4.61 14.86 -4.71
CA GLY A 99 4.59 14.02 -3.51
C GLY A 99 3.30 14.11 -2.71
N ILE A 100 2.80 15.34 -2.57
CA ILE A 100 1.57 15.62 -1.85
C ILE A 100 0.36 15.11 -2.67
N SER A 101 0.29 15.49 -3.94
CA SER A 101 -0.78 14.99 -4.81
C SER A 101 -0.86 13.47 -4.75
N GLU A 102 0.29 12.77 -4.87
CA GLU A 102 0.31 11.32 -4.94
C GLU A 102 -0.14 10.70 -3.60
N ALA A 103 0.29 11.28 -2.48
CA ALA A 103 -0.03 10.76 -1.18
C ALA A 103 -1.54 10.83 -0.88
N LEU A 104 -2.20 11.95 -1.27
CA LEU A 104 -3.64 12.13 -1.09
C LEU A 104 -4.43 11.15 -1.97
N ARG A 105 -4.01 11.01 -3.23
CA ARG A 105 -4.70 10.12 -4.15
C ARG A 105 -4.53 8.69 -3.67
N ALA A 106 -3.28 8.32 -3.35
CA ALA A 106 -2.97 6.98 -2.89
C ALA A 106 -3.84 6.66 -1.68
N SER A 107 -3.92 7.62 -0.76
CA SER A 107 -4.60 7.44 0.52
C SER A 107 -6.11 7.38 0.28
N GLY A 108 -6.58 8.30 -0.57
CA GLY A 108 -7.96 8.31 -1.00
C GLY A 108 -8.47 6.94 -1.48
N LEU A 109 -7.75 6.30 -2.41
CA LEU A 109 -8.17 5.02 -2.99
C LEU A 109 -8.25 3.93 -1.92
N ALA A 110 -7.18 3.86 -1.11
CA ALA A 110 -7.03 2.91 -0.02
C ALA A 110 -8.29 2.85 0.85
N ALA A 111 -8.71 4.06 1.23
CA ALA A 111 -9.93 4.30 2.01
C ALA A 111 -11.18 4.11 1.16
N GLY A 112 -11.04 4.05 -0.16
CA GLY A 112 -12.19 3.80 -1.03
C GLY A 112 -12.94 5.07 -1.40
N ILE A 113 -12.24 6.22 -1.33
CA ILE A 113 -12.75 7.54 -1.67
C ILE A 113 -12.29 7.98 -3.07
N VAL A 114 -13.22 7.99 -4.02
CA VAL A 114 -12.84 7.87 -5.42
C VAL A 114 -12.54 9.24 -5.97
N ASP A 115 -13.32 10.26 -5.57
CA ASP A 115 -13.05 11.61 -6.04
C ASP A 115 -11.67 12.06 -5.52
N ALA A 116 -11.27 11.59 -4.33
CA ALA A 116 -9.92 11.79 -3.85
C ALA A 116 -8.93 10.94 -4.67
N GLY A 117 -9.26 9.67 -4.92
CA GLY A 117 -8.41 8.82 -5.75
C GLY A 117 -8.14 9.44 -7.12
N LEU A 118 -9.15 10.08 -7.72
CA LEU A 118 -9.09 10.49 -9.12
C LEU A 118 -8.83 11.98 -9.25
N SER A 119 -8.62 12.67 -8.14
CA SER A 119 -8.49 14.14 -8.13
C SER A 119 -7.45 14.61 -9.15
N ARG A 120 -7.69 15.73 -9.84
CA ARG A 120 -6.69 16.37 -10.67
C ARG A 120 -5.99 17.50 -9.92
N GLY A 121 -6.24 17.55 -8.61
CA GLY A 121 -5.62 18.53 -7.74
C GLY A 121 -4.09 18.50 -7.83
N LEU A 122 -3.52 19.71 -7.83
CA LEU A 122 -2.10 19.93 -7.75
C LEU A 122 -1.72 20.30 -6.34
N ALA A 123 -0.42 20.23 -6.10
CA ALA A 123 0.22 20.79 -4.92
C ALA A 123 1.56 21.37 -5.36
N GLY A 124 2.01 22.43 -4.68
CA GLY A 124 3.26 23.08 -5.04
C GLY A 124 3.49 24.36 -4.24
N ILE A 125 4.49 25.14 -4.65
CA ILE A 125 4.86 26.36 -3.97
C ILE A 125 4.66 27.55 -4.91
N SER A 126 3.97 28.56 -4.39
CA SER A 126 3.89 29.88 -5.00
C SER A 126 4.48 30.87 -4.00
N GLY A 127 5.53 31.60 -4.42
CA GLY A 127 6.31 32.43 -3.53
C GLY A 127 6.83 31.61 -2.33
N SER A 128 6.31 31.91 -1.14
CA SER A 128 6.67 31.21 0.08
C SER A 128 5.47 30.41 0.59
N THR A 129 4.44 30.26 -0.24
CA THR A 129 3.21 29.62 0.18
C THR A 129 3.19 28.22 -0.42
N LEU A 130 2.79 27.26 0.40
CA LEU A 130 2.39 25.95 -0.07
C LEU A 130 0.91 26.03 -0.44
N VAL A 131 0.56 25.63 -1.66
CA VAL A 131 -0.82 25.57 -2.12
C VAL A 131 -1.20 24.10 -2.30
N VAL A 132 -2.36 23.67 -1.82
CA VAL A 132 -2.78 22.30 -2.05
C VAL A 132 -4.26 22.26 -2.39
N ASN A 133 -4.59 21.57 -3.49
CA ASN A 133 -5.95 21.42 -3.95
C ASN A 133 -6.46 20.09 -3.41
N ILE A 134 -7.54 20.13 -2.61
CA ILE A 134 -8.19 18.95 -2.09
C ILE A 134 -9.50 18.85 -2.82
N ALA A 135 -9.98 17.61 -2.99
CA ALA A 135 -11.27 17.32 -3.62
C ALA A 135 -12.41 17.66 -2.69
N GLY A 136 -13.63 17.53 -3.22
CA GLY A 136 -14.79 18.23 -2.68
C GLY A 136 -15.52 17.49 -1.56
N SER A 137 -15.61 16.15 -1.62
CA SER A 137 -16.48 15.39 -0.72
C SER A 137 -15.96 15.45 0.72
N ARG A 138 -16.84 15.16 1.68
CA ARG A 138 -16.48 15.25 3.09
C ARG A 138 -15.38 14.24 3.40
N ALA A 139 -15.58 12.99 2.94
CA ALA A 139 -14.60 11.93 3.10
C ALA A 139 -13.22 12.35 2.59
N ALA A 140 -13.17 13.06 1.45
CA ALA A 140 -11.92 13.46 0.84
C ALA A 140 -11.25 14.56 1.63
N VAL A 141 -12.05 15.37 2.32
CA VAL A 141 -11.47 16.39 3.16
C VAL A 141 -10.86 15.77 4.42
N ARG A 142 -11.59 14.87 5.05
CA ARG A 142 -11.06 14.25 6.25
C ARG A 142 -9.73 13.55 5.91
N ASP A 143 -9.81 12.58 5.01
CA ASP A 143 -8.64 11.79 4.64
C ASP A 143 -7.55 12.70 4.09
N GLY A 144 -7.94 13.74 3.35
CA GLY A 144 -6.96 14.65 2.76
C GLY A 144 -6.20 15.53 3.74
N MET A 145 -6.87 16.04 4.78
CA MET A 145 -6.20 16.78 5.85
C MET A 145 -5.33 15.87 6.73
N ALA A 146 -5.87 14.70 7.11
CA ALA A 146 -5.10 13.74 7.90
C ALA A 146 -3.73 13.53 7.26
N THR A 147 -3.72 13.20 5.96
CA THR A 147 -2.49 12.94 5.26
C THR A 147 -1.66 14.22 5.13
N LEU A 148 -2.33 15.31 4.69
CA LEU A 148 -1.67 16.55 4.33
C LEU A 148 -0.98 17.21 5.53
N GLY A 149 -1.69 17.31 6.68
CA GLY A 149 -1.21 18.09 7.82
C GLY A 149 0.24 17.97 8.28
N PRO A 150 0.74 16.73 8.48
CA PRO A 150 2.17 16.44 8.65
C PRO A 150 3.06 16.94 7.52
N LEU A 151 2.68 16.61 6.28
CA LEU A 151 3.52 16.97 5.15
C LEU A 151 3.60 18.49 5.04
N ALA A 152 2.52 19.20 5.38
CA ALA A 152 2.50 20.65 5.28
C ALA A 152 3.47 21.24 6.31
N VAL A 153 3.35 20.72 7.52
CA VAL A 153 4.20 21.13 8.63
C VAL A 153 5.67 21.09 8.24
N GLN A 154 6.10 19.98 7.61
CA GLN A 154 7.50 19.74 7.29
C GLN A 154 7.97 20.70 6.20
N ILE A 155 7.06 21.09 5.31
CA ILE A 155 7.41 21.92 4.17
C ILE A 155 7.51 23.41 4.56
N ILE A 156 6.56 23.91 5.38
CA ILE A 156 6.63 25.26 5.93
C ILE A 156 7.94 25.46 6.71
N GLY A 157 8.40 24.38 7.37
CA GLY A 157 9.73 24.34 7.95
C GLY A 157 10.85 24.59 6.94
N GLN A 158 10.55 24.46 5.63
CA GLN A 158 11.49 24.66 4.55
C GLN A 158 12.54 23.55 4.60
N LEU B 7 -25.34 -2.33 -18.82
CA LEU B 7 -24.55 -1.40 -19.64
C LEU B 7 -24.12 -0.26 -18.73
N VAL B 8 -22.80 -0.06 -18.59
CA VAL B 8 -22.24 1.16 -18.06
C VAL B 8 -21.83 2.07 -19.23
N GLY B 9 -21.49 1.46 -20.38
CA GLY B 9 -21.10 2.17 -21.57
C GLY B 9 -20.46 1.26 -22.61
N ARG B 10 -20.01 1.88 -23.70
CA ARG B 10 -19.30 1.19 -24.76
C ARG B 10 -17.80 1.31 -24.47
N ALA B 11 -17.04 0.25 -24.78
CA ALA B 11 -15.59 0.30 -24.66
C ALA B 11 -14.95 -0.21 -25.95
N LEU B 12 -13.78 0.33 -26.30
CA LEU B 12 -13.02 -0.15 -27.43
C LEU B 12 -11.65 -0.59 -26.95
N VAL B 13 -11.13 -1.67 -27.52
CA VAL B 13 -9.80 -2.12 -27.21
C VAL B 13 -8.90 -1.82 -28.42
N ILE B 14 -7.76 -1.17 -28.15
CA ILE B 14 -6.67 -1.07 -29.10
C ILE B 14 -5.50 -1.90 -28.60
N VAL B 15 -5.07 -2.85 -29.41
CA VAL B 15 -3.94 -3.68 -29.05
C VAL B 15 -2.78 -3.16 -29.88
N VAL B 16 -1.76 -2.66 -29.18
CA VAL B 16 -0.55 -2.12 -29.83
C VAL B 16 0.55 -3.18 -29.73
N ASP B 17 0.80 -3.90 -30.82
CA ASP B 17 1.83 -4.97 -30.85
C ASP B 17 2.20 -5.23 -32.30
N ASP B 18 3.47 -5.00 -32.63
CA ASP B 18 3.93 -5.17 -34.02
C ASP B 18 3.72 -6.61 -34.48
N ARG B 19 3.99 -7.60 -33.62
CA ARG B 19 3.92 -8.98 -34.08
C ARG B 19 2.46 -9.31 -34.37
N THR B 20 1.53 -8.95 -33.48
CA THR B 20 0.11 -9.14 -33.75
C THR B 20 -0.31 -8.42 -35.03
N ALA B 21 0.20 -7.20 -35.23
CA ALA B 21 -0.14 -6.37 -36.38
C ALA B 21 0.33 -7.02 -37.68
N HIS B 22 1.53 -7.62 -37.60
CA HIS B 22 2.20 -8.27 -38.74
C HIS B 22 1.90 -9.79 -38.71
N GLY B 23 0.66 -10.20 -38.38
CA GLY B 23 0.20 -11.57 -38.64
C GLY B 23 -0.27 -12.41 -37.44
N GLU B 24 0.40 -12.32 -36.29
CA GLU B 24 0.25 -13.31 -35.23
C GLU B 24 -1.04 -13.11 -34.44
N GLU B 25 -1.51 -14.21 -33.81
CA GLU B 25 -2.77 -14.21 -33.09
C GLU B 25 -2.73 -13.21 -31.96
N ASP B 26 -3.89 -12.60 -31.72
CA ASP B 26 -4.06 -11.58 -30.71
C ASP B 26 -4.61 -12.22 -29.43
N HIS B 27 -3.75 -12.36 -28.41
CA HIS B 27 -4.11 -13.01 -27.16
C HIS B 27 -4.59 -11.97 -26.14
N SER B 28 -4.19 -10.71 -26.33
CA SER B 28 -4.54 -9.61 -25.44
C SER B 28 -5.97 -9.13 -25.63
N GLY B 29 -6.42 -9.05 -26.90
CA GLY B 29 -7.69 -8.42 -27.24
C GLY B 29 -8.93 -9.13 -26.67
N PRO B 30 -9.08 -10.46 -26.86
CA PRO B 30 -10.16 -11.19 -26.19
C PRO B 30 -10.17 -11.03 -24.66
N LEU B 31 -9.00 -10.98 -24.02
CA LEU B 31 -8.97 -10.95 -22.57
C LEU B 31 -9.48 -9.62 -22.04
N VAL B 32 -9.11 -8.53 -22.73
CA VAL B 32 -9.59 -7.23 -22.32
C VAL B 32 -11.09 -7.13 -22.55
N THR B 33 -11.58 -7.92 -23.53
CA THR B 33 -12.99 -7.94 -23.89
C THR B 33 -13.77 -8.59 -22.75
N GLU B 34 -13.30 -9.76 -22.30
CA GLU B 34 -13.90 -10.45 -21.17
C GLU B 34 -13.94 -9.53 -19.96
N LEU B 35 -12.79 -8.91 -19.59
CA LEU B 35 -12.70 -8.21 -18.31
C LEU B 35 -13.52 -6.93 -18.32
N LEU B 36 -13.60 -6.28 -19.48
CA LEU B 36 -14.47 -5.12 -19.65
C LEU B 36 -15.94 -5.53 -19.56
N GLY B 37 -16.26 -6.66 -20.20
CA GLY B 37 -17.54 -7.33 -19.99
C GLY B 37 -17.90 -7.35 -18.51
N GLU B 38 -17.04 -7.92 -17.66
CA GLU B 38 -17.43 -8.08 -16.27
C GLU B 38 -17.54 -6.74 -15.56
N ALA B 39 -16.69 -5.75 -15.91
CA ALA B 39 -16.70 -4.42 -15.30
C ALA B 39 -17.99 -3.65 -15.64
N GLY B 40 -18.71 -4.08 -16.69
CA GLY B 40 -20.00 -3.51 -17.06
C GLY B 40 -20.07 -2.87 -18.45
N PHE B 41 -19.10 -3.14 -19.35
CA PHE B 41 -19.01 -2.47 -20.63
C PHE B 41 -19.34 -3.41 -21.78
N VAL B 42 -20.16 -2.92 -22.71
CA VAL B 42 -20.31 -3.55 -24.01
C VAL B 42 -19.11 -3.13 -24.86
N VAL B 43 -18.47 -4.10 -25.52
CA VAL B 43 -17.21 -3.90 -26.26
C VAL B 43 -17.50 -3.84 -27.77
N ASP B 44 -17.29 -2.65 -28.33
CA ASP B 44 -17.62 -2.38 -29.72
C ASP B 44 -16.77 -3.22 -30.66
N GLY B 45 -15.60 -3.69 -30.20
CA GLY B 45 -14.65 -4.43 -31.04
C GLY B 45 -13.20 -4.20 -30.61
N VAL B 46 -12.28 -4.85 -31.33
CA VAL B 46 -10.85 -4.81 -31.04
C VAL B 46 -10.14 -4.28 -32.28
N VAL B 47 -9.34 -3.22 -32.15
CA VAL B 47 -8.53 -2.71 -33.25
C VAL B 47 -7.09 -3.06 -32.96
N VAL B 48 -6.41 -3.69 -33.92
CA VAL B 48 -5.00 -3.98 -33.73
C VAL B 48 -4.16 -2.96 -34.48
N VAL B 49 -3.06 -2.59 -33.86
CA VAL B 49 -2.17 -1.61 -34.40
C VAL B 49 -0.72 -2.00 -34.09
N ALA B 50 0.14 -1.68 -35.05
CA ALA B 50 1.57 -1.75 -34.90
C ALA B 50 2.04 -0.65 -33.92
N SER B 51 3.28 -0.78 -33.44
CA SER B 51 3.79 0.13 -32.43
C SER B 51 4.39 1.34 -33.14
N ASP B 52 3.49 2.08 -33.78
CA ASP B 52 3.79 3.28 -34.55
C ASP B 52 2.93 4.40 -34.02
N GLU B 53 3.52 5.57 -33.79
CA GLU B 53 2.83 6.66 -33.13
C GLU B 53 1.63 7.13 -33.97
N VAL B 54 1.85 7.40 -35.27
CA VAL B 54 0.77 7.83 -36.16
C VAL B 54 -0.39 6.82 -36.08
N GLU B 55 -0.08 5.57 -36.42
CA GLU B 55 -1.09 4.54 -36.54
C GLU B 55 -1.91 4.52 -35.26
N ILE B 56 -1.21 4.53 -34.12
CA ILE B 56 -1.83 4.53 -32.80
C ILE B 56 -2.69 5.77 -32.55
N ARG B 57 -2.11 6.97 -32.77
CA ARG B 57 -2.83 8.23 -32.68
C ARG B 57 -4.14 8.15 -33.51
N ASN B 58 -4.02 7.65 -34.75
CA ASN B 58 -5.15 7.58 -35.67
C ASN B 58 -6.24 6.68 -35.10
N ALA B 59 -5.87 5.55 -34.48
CA ALA B 59 -6.88 4.63 -33.98
C ALA B 59 -7.57 5.23 -32.76
N LEU B 60 -6.81 5.92 -31.91
CA LEU B 60 -7.43 6.50 -30.73
C LEU B 60 -8.38 7.59 -31.21
N ASN B 61 -7.94 8.36 -32.24
CA ASN B 61 -8.65 9.56 -32.68
C ASN B 61 -9.97 9.17 -33.30
N THR B 62 -9.90 8.13 -34.13
CA THR B 62 -11.08 7.54 -34.75
C THR B 62 -12.04 6.98 -33.67
N ALA B 63 -11.51 6.27 -32.66
CA ALA B 63 -12.33 5.72 -31.59
C ALA B 63 -13.03 6.82 -30.78
N VAL B 64 -12.33 7.94 -30.57
CA VAL B 64 -12.88 9.03 -29.77
C VAL B 64 -14.06 9.65 -30.52
N ILE B 65 -13.77 10.11 -31.75
CA ILE B 65 -14.76 10.77 -32.61
C ILE B 65 -15.98 9.87 -32.82
N GLY B 66 -15.82 8.55 -32.70
CA GLY B 66 -16.90 7.61 -32.88
C GLY B 66 -17.77 7.42 -31.63
N GLY B 67 -17.26 7.89 -30.49
CA GLY B 67 -18.07 8.20 -29.32
C GLY B 67 -18.15 7.07 -28.29
N VAL B 68 -17.19 6.15 -28.27
CA VAL B 68 -17.15 5.15 -27.22
C VAL B 68 -16.81 5.86 -25.91
N ASP B 69 -17.27 5.28 -24.80
CA ASP B 69 -17.09 5.90 -23.50
C ASP B 69 -15.65 5.69 -23.02
N LEU B 70 -15.07 4.55 -23.44
CA LEU B 70 -13.81 4.09 -22.90
C LEU B 70 -13.00 3.42 -24.00
N VAL B 71 -11.73 3.85 -24.10
CA VAL B 71 -10.72 3.20 -24.91
C VAL B 71 -9.65 2.69 -23.95
N VAL B 72 -9.38 1.40 -24.01
CA VAL B 72 -8.20 0.87 -23.36
C VAL B 72 -7.25 0.51 -24.49
N SER B 73 -6.00 0.97 -24.39
CA SER B 73 -4.92 0.44 -25.22
C SER B 73 -4.09 -0.54 -24.39
N VAL B 74 -3.37 -1.41 -25.09
CA VAL B 74 -2.56 -2.44 -24.48
C VAL B 74 -1.23 -2.43 -25.21
N GLY B 75 -0.13 -2.17 -24.50
CA GLY B 75 1.21 -2.29 -25.08
C GLY B 75 1.80 -0.94 -25.49
N GLY B 76 3.09 -0.97 -25.80
CA GLY B 76 3.82 0.22 -26.21
C GLY B 76 4.00 1.26 -25.09
N THR B 77 3.98 0.81 -23.81
CA THR B 77 4.17 1.69 -22.66
C THR B 77 5.57 1.59 -22.08
N GLY B 78 6.38 0.64 -22.52
CA GLY B 78 7.71 0.44 -21.96
C GLY B 78 8.66 1.53 -22.42
N VAL B 79 9.93 1.16 -22.54
CA VAL B 79 10.99 2.15 -22.57
C VAL B 79 11.92 1.96 -23.78
N THR B 80 11.65 0.98 -24.65
CA THR B 80 12.37 0.89 -25.92
C THR B 80 12.04 2.12 -26.77
N PRO B 81 12.71 2.29 -27.92
CA PRO B 81 12.35 3.38 -28.85
C PRO B 81 10.96 3.20 -29.43
N ARG B 82 10.58 1.93 -29.59
CA ARG B 82 9.34 1.53 -30.26
C ARG B 82 8.10 1.82 -29.38
N ASP B 83 8.29 2.03 -28.07
CA ASP B 83 7.16 2.14 -27.17
C ASP B 83 6.61 3.57 -27.24
N VAL B 84 5.61 3.81 -28.11
CA VAL B 84 5.21 5.17 -28.36
C VAL B 84 3.73 5.36 -28.07
N THR B 85 3.12 4.47 -27.27
CA THR B 85 1.72 4.69 -26.93
C THR B 85 1.55 6.03 -26.19
N PRO B 86 2.38 6.33 -25.18
CA PRO B 86 2.22 7.57 -24.42
C PRO B 86 2.25 8.80 -25.30
N GLU B 87 3.25 8.84 -26.21
CA GLU B 87 3.42 9.98 -27.10
C GLU B 87 2.20 10.14 -28.02
N ALA B 88 1.62 9.02 -28.45
CA ALA B 88 0.46 9.03 -29.34
C ALA B 88 -0.74 9.59 -28.59
N THR B 89 -0.99 8.95 -27.44
CA THR B 89 -2.06 9.32 -26.54
C THR B 89 -1.97 10.80 -26.17
N ARG B 90 -0.78 11.32 -25.86
CA ARG B 90 -0.71 12.66 -25.26
C ARG B 90 -1.35 13.71 -26.16
N GLU B 91 -1.12 13.59 -27.47
CA GLU B 91 -1.62 14.56 -28.43
C GLU B 91 -3.13 14.75 -28.27
N LEU B 92 -3.85 13.73 -27.79
CA LEU B 92 -5.30 13.67 -27.91
C LEU B 92 -6.01 14.09 -26.64
N LEU B 93 -5.26 14.24 -25.53
CA LEU B 93 -5.88 14.43 -24.21
C LEU B 93 -6.26 15.90 -24.01
N ASP B 94 -7.48 16.14 -23.52
CA ASP B 94 -7.87 17.48 -23.13
C ASP B 94 -7.51 17.70 -21.65
N ARG B 95 -7.34 16.59 -20.92
CA ARG B 95 -7.14 16.56 -19.49
C ARG B 95 -6.61 15.18 -19.08
N GLU B 96 -5.65 15.17 -18.15
CA GLU B 96 -5.02 13.95 -17.70
C GLU B 96 -5.63 13.53 -16.38
N LEU B 97 -5.76 12.22 -16.17
CA LEU B 97 -6.17 11.66 -14.89
C LEU B 97 -5.02 10.89 -14.24
N LEU B 98 -3.96 11.62 -13.90
CA LEU B 98 -2.76 11.06 -13.30
C LEU B 98 -3.11 10.00 -12.27
N GLY B 99 -4.20 10.25 -11.56
CA GLY B 99 -4.69 9.36 -10.53
C GLY B 99 -4.91 7.95 -11.05
N ILE B 100 -5.35 7.81 -12.31
CA ILE B 100 -5.63 6.47 -12.80
C ILE B 100 -4.29 5.76 -13.04
N SER B 101 -3.34 6.49 -13.64
CA SER B 101 -2.04 5.93 -13.92
C SER B 101 -1.33 5.57 -12.62
N GLU B 102 -1.48 6.44 -11.59
CA GLU B 102 -0.81 6.20 -10.32
C GLU B 102 -1.29 4.91 -9.69
N ALA B 103 -2.57 4.65 -9.85
CA ALA B 103 -3.22 3.54 -9.19
C ALA B 103 -2.79 2.24 -9.87
N LEU B 104 -2.63 2.28 -11.20
CA LEU B 104 -2.27 1.10 -11.98
C LEU B 104 -0.80 0.74 -11.73
N ARG B 105 0.08 1.74 -11.82
CA ARG B 105 1.48 1.56 -11.46
C ARG B 105 1.63 1.06 -10.02
N ALA B 106 0.87 1.64 -9.08
CA ALA B 106 0.98 1.28 -7.66
C ALA B 106 0.51 -0.15 -7.46
N SER B 107 -0.58 -0.53 -8.12
CA SER B 107 -1.15 -1.86 -8.02
C SER B 107 -0.23 -2.88 -8.68
N GLY B 108 0.32 -2.52 -9.85
CA GLY B 108 1.27 -3.39 -10.54
C GLY B 108 2.48 -3.78 -9.70
N LEU B 109 3.11 -2.77 -9.08
CA LEU B 109 4.34 -2.88 -8.33
C LEU B 109 4.16 -3.76 -7.09
N ALA B 110 3.09 -3.49 -6.34
CA ALA B 110 2.66 -4.29 -5.21
C ALA B 110 2.55 -5.76 -5.61
N ALA B 111 2.02 -6.03 -6.80
CA ALA B 111 1.81 -7.42 -7.26
C ALA B 111 3.06 -8.00 -7.91
N GLY B 112 4.15 -7.22 -7.95
CA GLY B 112 5.41 -7.67 -8.53
C GLY B 112 5.46 -7.61 -10.07
N ILE B 113 4.58 -6.85 -10.73
CA ILE B 113 4.48 -6.84 -12.19
C ILE B 113 5.14 -5.55 -12.69
N VAL B 114 6.35 -5.69 -13.18
CA VAL B 114 7.23 -4.53 -13.18
C VAL B 114 6.85 -3.70 -14.39
N ASP B 115 6.33 -4.34 -15.45
CA ASP B 115 5.99 -3.61 -16.66
C ASP B 115 4.76 -2.74 -16.38
N ALA B 116 3.82 -3.24 -15.56
CA ALA B 116 2.77 -2.39 -15.00
C ALA B 116 3.38 -1.33 -14.08
N GLY B 117 4.26 -1.77 -13.17
CA GLY B 117 5.01 -0.87 -12.29
C GLY B 117 5.52 0.37 -13.01
N LEU B 118 6.24 0.16 -14.14
CA LEU B 118 7.03 1.21 -14.76
C LEU B 118 6.35 1.78 -16.00
N SER B 119 5.13 1.31 -16.29
CA SER B 119 4.44 1.74 -17.51
C SER B 119 4.40 3.27 -17.63
N ARG B 120 4.75 3.78 -18.83
CA ARG B 120 4.62 5.20 -19.13
C ARG B 120 3.20 5.56 -19.60
N GLY B 121 2.24 4.63 -19.39
CA GLY B 121 0.87 4.84 -19.80
C GLY B 121 0.27 6.15 -19.26
N LEU B 122 -0.47 6.83 -20.13
CA LEU B 122 -1.30 7.95 -19.71
C LEU B 122 -2.72 7.48 -19.43
N ALA B 123 -3.46 8.33 -18.70
CA ALA B 123 -4.91 8.25 -18.66
C ALA B 123 -5.45 9.67 -18.74
N GLY B 124 -6.68 9.78 -19.28
CA GLY B 124 -7.19 11.12 -19.47
C GLY B 124 -8.50 11.10 -20.20
N ILE B 125 -8.95 12.33 -20.46
CA ILE B 125 -10.22 12.58 -21.12
C ILE B 125 -9.92 13.20 -22.46
N SER B 126 -10.49 12.59 -23.51
CA SER B 126 -10.45 13.12 -24.86
C SER B 126 -11.87 13.30 -25.36
N GLY B 127 -12.24 14.54 -25.60
CA GLY B 127 -13.64 14.83 -25.88
C GLY B 127 -14.46 14.47 -24.66
N SER B 128 -15.23 13.39 -24.77
CA SER B 128 -15.98 12.81 -23.66
C SER B 128 -15.61 11.34 -23.55
N THR B 129 -14.43 10.98 -24.04
CA THR B 129 -13.97 9.61 -23.94
C THR B 129 -12.91 9.51 -22.87
N LEU B 130 -13.01 8.48 -22.04
CA LEU B 130 -11.96 8.09 -21.10
C LEU B 130 -10.97 7.23 -21.86
N VAL B 131 -9.72 7.70 -21.95
CA VAL B 131 -8.66 6.93 -22.60
C VAL B 131 -7.64 6.47 -21.55
N VAL B 132 -7.34 5.17 -21.54
CA VAL B 132 -6.35 4.61 -20.65
C VAL B 132 -5.43 3.64 -21.39
N ASN B 133 -4.12 3.91 -21.29
CA ASN B 133 -3.06 3.01 -21.71
C ASN B 133 -2.70 2.06 -20.59
N ILE B 134 -2.76 0.76 -20.87
CA ILE B 134 -2.30 -0.30 -20.00
C ILE B 134 -1.08 -0.97 -20.63
N ALA B 135 -0.16 -1.48 -19.79
CA ALA B 135 0.99 -2.21 -20.30
C ALA B 135 0.56 -3.56 -20.90
N GLY B 136 1.47 -4.18 -21.64
CA GLY B 136 1.12 -5.27 -22.53
C GLY B 136 1.22 -6.66 -21.91
N SER B 137 1.92 -6.83 -20.78
CA SER B 137 2.07 -8.17 -20.21
C SER B 137 0.69 -8.74 -19.90
N ARG B 138 0.53 -10.06 -19.95
CA ARG B 138 -0.76 -10.63 -19.59
C ARG B 138 -1.11 -10.32 -18.14
N ALA B 139 -0.09 -10.34 -17.25
CA ALA B 139 -0.29 -10.04 -15.84
C ALA B 139 -0.75 -8.60 -15.63
N ALA B 140 -0.20 -7.68 -16.45
CA ALA B 140 -0.50 -6.26 -16.39
C ALA B 140 -1.89 -5.97 -16.93
N VAL B 141 -2.38 -6.79 -17.84
CA VAL B 141 -3.72 -6.59 -18.38
C VAL B 141 -4.72 -7.04 -17.33
N ARG B 142 -4.48 -8.16 -16.67
CA ARG B 142 -5.40 -8.60 -15.61
C ARG B 142 -5.46 -7.60 -14.45
N ASP B 143 -4.30 -7.15 -13.95
CA ASP B 143 -4.21 -6.22 -12.83
C ASP B 143 -4.71 -4.82 -13.22
N GLY B 144 -4.40 -4.45 -14.43
CA GLY B 144 -4.85 -3.16 -14.92
C GLY B 144 -6.36 -3.08 -14.96
N MET B 145 -6.99 -4.08 -15.56
CA MET B 145 -8.42 -4.01 -15.77
C MET B 145 -9.13 -4.07 -14.42
N ALA B 146 -8.64 -4.88 -13.47
CA ALA B 146 -9.27 -5.02 -12.17
C ALA B 146 -9.31 -3.67 -11.44
N THR B 147 -8.16 -3.00 -11.36
CA THR B 147 -8.09 -1.70 -10.72
C THR B 147 -8.92 -0.67 -11.50
N LEU B 148 -8.97 -0.78 -12.83
CA LEU B 148 -9.49 0.28 -13.68
C LEU B 148 -11.02 0.24 -13.71
N GLY B 149 -11.56 -0.97 -13.77
CA GLY B 149 -12.98 -1.16 -14.06
C GLY B 149 -13.81 -0.17 -13.27
N PRO B 150 -13.76 -0.22 -11.91
CA PRO B 150 -14.57 0.65 -11.06
C PRO B 150 -14.22 2.13 -11.20
N LEU B 151 -12.97 2.45 -11.45
CA LEU B 151 -12.64 3.85 -11.60
C LEU B 151 -13.31 4.44 -12.84
N ALA B 152 -13.45 3.59 -13.90
CA ALA B 152 -13.97 4.01 -15.18
C ALA B 152 -15.48 4.15 -15.08
N VAL B 153 -16.10 3.23 -14.34
CA VAL B 153 -17.52 3.34 -14.02
C VAL B 153 -17.80 4.74 -13.46
N GLN B 154 -16.98 5.19 -12.49
CA GLN B 154 -17.23 6.45 -11.79
C GLN B 154 -16.88 7.64 -12.67
N ILE B 155 -15.99 7.46 -13.66
CA ILE B 155 -15.65 8.56 -14.57
C ILE B 155 -16.77 8.75 -15.60
N ILE B 156 -17.30 7.65 -16.19
CA ILE B 156 -18.35 7.75 -17.19
C ILE B 156 -19.55 8.51 -16.64
N GLY B 157 -19.86 8.22 -15.37
CA GLY B 157 -21.00 8.77 -14.66
C GLY B 157 -20.86 10.26 -14.35
N GLN B 158 -19.69 10.70 -13.90
CA GLN B 158 -19.41 12.12 -13.81
C GLN B 158 -19.50 12.82 -15.17
N LEU B 159 -19.43 12.11 -16.31
CA LEU B 159 -19.50 12.70 -17.65
C LEU B 159 -20.86 12.47 -18.33
N SER B 160 -21.95 12.35 -17.53
CA SER B 160 -23.31 12.15 -18.05
C SER B 160 -24.37 12.39 -16.96
N LEU C 7 27.57 -8.34 -12.87
CA LEU C 7 26.46 -9.07 -13.56
C LEU C 7 25.80 -8.12 -14.57
N VAL C 8 25.29 -6.94 -14.16
CA VAL C 8 24.16 -6.30 -14.85
C VAL C 8 24.51 -4.96 -15.50
N GLY C 9 25.36 -4.14 -14.91
CA GLY C 9 25.66 -2.89 -15.58
C GLY C 9 26.55 -1.97 -14.75
N ARG C 10 26.80 -0.79 -15.34
CA ARG C 10 27.71 0.19 -14.77
C ARG C 10 26.89 1.40 -14.33
N ALA C 11 27.33 2.00 -13.23
CA ALA C 11 26.63 3.10 -12.62
C ALA C 11 27.62 4.19 -12.24
N LEU C 12 27.09 5.41 -12.12
CA LEU C 12 27.78 6.62 -11.69
C LEU C 12 26.92 7.31 -10.63
N VAL C 13 27.58 7.79 -9.56
CA VAL C 13 26.90 8.49 -8.49
C VAL C 13 27.27 9.96 -8.52
N ILE C 14 26.26 10.84 -8.44
CA ILE C 14 26.45 12.28 -8.36
C ILE C 14 25.89 12.73 -7.03
N VAL C 15 26.76 13.22 -6.16
CA VAL C 15 26.36 13.72 -4.87
C VAL C 15 26.32 15.24 -4.96
N VAL C 16 25.20 15.84 -4.59
CA VAL C 16 25.03 17.29 -4.56
C VAL C 16 25.20 17.83 -3.12
N ASP C 17 26.22 18.68 -2.87
CA ASP C 17 26.61 19.19 -1.55
C ASP C 17 26.08 20.62 -1.36
N HIS C 27 29.98 11.01 2.69
CA HIS C 27 28.71 10.59 3.36
C HIS C 27 27.96 9.57 2.48
N SER C 28 27.28 10.02 1.42
CA SER C 28 26.35 9.21 0.64
C SER C 28 27.07 8.39 -0.43
N GLY C 29 28.25 8.84 -0.84
CA GLY C 29 28.88 8.25 -1.99
C GLY C 29 29.19 6.77 -1.77
N PRO C 30 29.94 6.44 -0.69
CA PRO C 30 30.31 5.07 -0.39
C PRO C 30 29.10 4.19 -0.15
N LEU C 31 28.07 4.79 0.45
CA LEU C 31 26.83 4.08 0.76
C LEU C 31 26.05 3.73 -0.50
N VAL C 32 25.89 4.71 -1.41
CA VAL C 32 25.27 4.46 -2.70
C VAL C 32 26.07 3.39 -3.42
N THR C 33 27.40 3.47 -3.28
CA THR C 33 28.31 2.54 -3.95
C THR C 33 28.02 1.11 -3.49
N GLU C 34 28.03 0.92 -2.16
CA GLU C 34 27.78 -0.35 -1.47
C GLU C 34 26.45 -0.97 -1.93
N LEU C 35 25.39 -0.15 -2.03
CA LEU C 35 24.07 -0.69 -2.31
C LEU C 35 23.88 -0.98 -3.80
N LEU C 36 24.46 -0.15 -4.68
CA LEU C 36 24.39 -0.46 -6.09
C LEU C 36 25.10 -1.80 -6.33
N GLY C 37 26.29 -1.93 -5.70
CA GLY C 37 27.01 -3.21 -5.65
C GLY C 37 26.07 -4.40 -5.42
N GLU C 38 25.37 -4.39 -4.28
CA GLU C 38 24.47 -5.48 -3.95
C GLU C 38 23.36 -5.63 -4.98
N ALA C 39 22.93 -4.51 -5.61
CA ALA C 39 21.93 -4.57 -6.69
C ALA C 39 22.49 -5.15 -7.99
N GLY C 40 23.80 -5.14 -8.17
CA GLY C 40 24.40 -5.83 -9.30
C GLY C 40 24.97 -4.85 -10.31
N PHE C 41 25.68 -3.86 -9.77
CA PHE C 41 26.12 -2.70 -10.51
C PHE C 41 27.54 -2.35 -10.07
N VAL C 42 28.43 -2.22 -11.08
CA VAL C 42 29.79 -1.72 -10.90
C VAL C 42 29.72 -0.22 -10.80
N VAL C 43 30.40 0.38 -9.84
CA VAL C 43 30.35 1.83 -9.73
C VAL C 43 31.66 2.40 -10.28
N ASP C 44 31.56 3.10 -11.41
CA ASP C 44 32.69 3.68 -12.10
C ASP C 44 33.27 4.86 -11.33
N GLY C 45 32.43 5.62 -10.65
CA GLY C 45 32.89 6.86 -10.08
C GLY C 45 31.85 7.49 -9.14
N VAL C 46 32.31 8.45 -8.36
CA VAL C 46 31.50 9.28 -7.52
C VAL C 46 31.98 10.71 -7.74
N VAL C 47 31.06 11.54 -8.20
CA VAL C 47 31.32 12.91 -8.57
C VAL C 47 30.57 13.76 -7.55
N VAL C 48 31.24 14.77 -7.00
CA VAL C 48 30.65 15.67 -6.04
C VAL C 48 30.49 17.05 -6.68
N VAL C 49 29.42 17.76 -6.31
CA VAL C 49 28.89 18.83 -7.11
C VAL C 49 28.16 19.78 -6.16
N ALA C 50 28.08 21.07 -6.51
CA ALA C 50 27.68 22.05 -5.52
C ALA C 50 26.41 22.75 -5.95
N SER C 51 25.30 22.03 -5.96
CA SER C 51 23.98 22.62 -5.75
C SER C 51 23.73 23.82 -6.66
N ASP C 52 24.10 23.62 -7.91
CA ASP C 52 24.24 24.67 -8.89
C ASP C 52 23.75 24.02 -10.16
N GLU C 53 22.73 24.62 -10.76
CA GLU C 53 21.99 23.93 -11.79
C GLU C 53 23.00 23.45 -12.82
N VAL C 54 23.89 24.39 -13.20
CA VAL C 54 24.89 24.22 -14.24
C VAL C 54 25.81 23.04 -13.89
N GLU C 55 26.37 23.04 -12.67
CA GLU C 55 27.29 21.99 -12.26
C GLU C 55 26.63 20.62 -12.43
N ILE C 56 25.37 20.49 -12.03
CA ILE C 56 24.71 19.19 -11.98
C ILE C 56 24.44 18.70 -13.39
N ARG C 57 23.84 19.57 -14.19
CA ARG C 57 23.51 19.23 -15.57
C ARG C 57 24.77 18.72 -16.27
N ASN C 58 25.94 19.32 -16.01
CA ASN C 58 27.19 18.93 -16.66
C ASN C 58 27.67 17.56 -16.21
N ALA C 59 27.66 17.32 -14.89
CA ALA C 59 27.97 16.01 -14.38
C ALA C 59 27.04 14.96 -15.00
N LEU C 60 25.76 15.28 -15.17
CA LEU C 60 24.84 14.32 -15.76
C LEU C 60 25.17 14.13 -17.25
N ASN C 61 25.47 15.24 -17.96
CA ASN C 61 25.83 15.21 -19.38
C ASN C 61 26.99 14.25 -19.61
N THR C 62 28.02 14.48 -18.80
CA THR C 62 29.24 13.70 -18.79
C THR C 62 28.94 12.22 -18.56
N ALA C 63 28.10 11.94 -17.56
CA ALA C 63 27.72 10.58 -17.22
C ALA C 63 27.00 9.92 -18.40
N VAL C 64 26.09 10.64 -19.06
CA VAL C 64 25.31 10.07 -20.14
C VAL C 64 26.19 9.82 -21.34
N ILE C 65 27.01 10.83 -21.65
CA ILE C 65 27.80 10.85 -22.87
C ILE C 65 28.83 9.73 -22.84
N GLY C 66 29.35 9.43 -21.64
CA GLY C 66 30.22 8.27 -21.42
C GLY C 66 29.50 6.91 -21.45
N GLY C 67 28.17 6.90 -21.59
CA GLY C 67 27.39 5.70 -21.90
C GLY C 67 27.09 4.77 -20.71
N VAL C 68 27.33 5.23 -19.48
CA VAL C 68 27.02 4.44 -18.29
C VAL C 68 25.55 4.02 -18.31
N ASP C 69 25.23 2.93 -17.59
CA ASP C 69 23.90 2.35 -17.62
C ASP C 69 22.92 3.04 -16.67
N LEU C 70 23.46 3.59 -15.57
CA LEU C 70 22.64 4.14 -14.53
C LEU C 70 23.34 5.33 -13.87
N VAL C 71 22.66 6.46 -13.75
CA VAL C 71 23.19 7.57 -12.98
C VAL C 71 22.26 7.79 -11.80
N VAL C 72 22.78 7.68 -10.58
CA VAL C 72 21.99 8.04 -9.42
C VAL C 72 22.54 9.38 -8.89
N SER C 73 21.65 10.37 -8.72
CA SER C 73 22.04 11.58 -8.05
C SER C 73 21.46 11.53 -6.66
N VAL C 74 22.12 12.22 -5.72
CA VAL C 74 21.76 12.22 -4.32
C VAL C 74 21.72 13.68 -3.89
N GLY C 75 20.55 14.14 -3.42
CA GLY C 75 20.43 15.48 -2.87
C GLY C 75 19.82 16.49 -3.84
N GLY C 76 19.28 17.55 -3.26
CA GLY C 76 18.89 18.75 -3.97
C GLY C 76 17.46 18.72 -4.46
N THR C 77 16.58 18.00 -3.74
CA THR C 77 15.26 17.62 -4.22
C THR C 77 14.15 18.26 -3.37
N GLY C 78 14.53 19.00 -2.31
CA GLY C 78 13.54 19.64 -1.44
C GLY C 78 13.05 20.93 -2.07
N VAL C 79 12.54 21.84 -1.23
CA VAL C 79 11.79 22.99 -1.72
C VAL C 79 12.61 24.28 -1.66
N THR C 80 13.80 24.23 -1.07
CA THR C 80 14.56 25.43 -0.76
C THR C 80 15.08 26.07 -2.04
N PRO C 81 15.48 27.36 -1.99
CA PRO C 81 15.99 28.02 -3.19
C PRO C 81 17.04 27.20 -3.91
N ARG C 82 17.99 26.59 -3.18
CA ARG C 82 19.18 26.03 -3.81
C ARG C 82 19.00 24.55 -4.14
N ASP C 83 17.79 24.02 -3.93
CA ASP C 83 17.49 22.67 -4.38
C ASP C 83 17.10 22.71 -5.86
N VAL C 84 18.06 22.46 -6.75
CA VAL C 84 17.83 22.63 -8.18
C VAL C 84 18.13 21.34 -8.92
N THR C 85 18.08 20.18 -8.26
CA THR C 85 18.48 18.97 -8.96
C THR C 85 17.46 18.61 -10.03
N PRO C 86 16.14 18.72 -9.75
CA PRO C 86 15.13 18.43 -10.77
C PRO C 86 15.24 19.34 -12.00
N GLU C 87 15.42 20.66 -11.76
CA GLU C 87 15.58 21.62 -12.83
C GLU C 87 16.77 21.19 -13.70
N ALA C 88 17.88 20.82 -13.07
CA ALA C 88 19.09 20.36 -13.76
C ALA C 88 18.86 19.10 -14.59
N THR C 89 17.94 18.22 -14.16
CA THR C 89 17.74 16.92 -14.86
C THR C 89 16.69 16.97 -15.96
N ARG C 90 15.63 17.78 -15.83
CA ARG C 90 14.48 17.78 -16.78
C ARG C 90 14.89 17.79 -18.26
N GLU C 91 15.71 18.75 -18.68
CA GLU C 91 16.03 18.89 -20.12
C GLU C 91 16.91 17.74 -20.60
N LEU C 92 17.45 16.95 -19.68
CA LEU C 92 18.32 15.81 -20.07
C LEU C 92 17.44 14.60 -20.37
N LEU C 93 16.19 14.60 -19.90
CA LEU C 93 15.39 13.39 -20.04
C LEU C 93 14.75 13.34 -21.43
N ASP C 94 15.03 12.27 -22.18
CA ASP C 94 14.29 11.93 -23.39
C ASP C 94 12.87 11.48 -23.02
N ARG C 95 12.77 10.50 -22.12
CA ARG C 95 11.49 9.94 -21.72
C ARG C 95 11.51 9.94 -20.19
N GLU C 96 10.38 10.27 -19.55
CA GLU C 96 10.30 10.35 -18.10
C GLU C 96 9.70 9.03 -17.63
N LEU C 97 10.03 8.65 -16.38
CA LEU C 97 9.61 7.41 -15.80
C LEU C 97 9.03 7.69 -14.41
N LEU C 98 7.80 8.23 -14.39
CA LEU C 98 7.10 8.59 -13.16
C LEU C 98 6.89 7.40 -12.25
N GLY C 99 6.82 6.19 -12.80
CA GLY C 99 6.63 4.99 -12.00
C GLY C 99 7.74 4.78 -10.97
N ILE C 100 8.95 5.23 -11.32
CA ILE C 100 10.13 5.09 -10.46
C ILE C 100 10.05 6.12 -9.34
N SER C 101 9.87 7.39 -9.75
CA SER C 101 9.61 8.47 -8.83
C SER C 101 8.46 8.12 -7.89
N GLU C 102 7.35 7.59 -8.45
CA GLU C 102 6.19 7.28 -7.62
C GLU C 102 6.54 6.22 -6.58
N ALA C 103 7.28 5.19 -7.02
CA ALA C 103 7.62 4.06 -6.17
C ALA C 103 8.52 4.53 -5.03
N LEU C 104 9.47 5.41 -5.36
CA LEU C 104 10.39 5.91 -4.35
C LEU C 104 9.62 6.79 -3.37
N ARG C 105 8.86 7.80 -3.86
CA ARG C 105 8.04 8.64 -2.98
C ARG C 105 7.08 7.85 -2.08
N ALA C 106 6.41 6.82 -2.61
CA ALA C 106 5.42 6.07 -1.85
C ALA C 106 6.12 5.21 -0.83
N SER C 107 7.25 4.64 -1.23
CA SER C 107 8.05 3.80 -0.36
C SER C 107 8.54 4.66 0.81
N GLY C 108 9.20 5.79 0.46
CA GLY C 108 9.60 6.81 1.40
C GLY C 108 8.56 7.14 2.47
N LEU C 109 7.33 7.38 2.04
CA LEU C 109 6.24 7.88 2.88
C LEU C 109 5.75 6.79 3.82
N ALA C 110 5.64 5.57 3.28
CA ALA C 110 5.22 4.43 4.06
C ALA C 110 6.23 4.17 5.19
N ALA C 111 7.53 4.42 4.93
CA ALA C 111 8.62 4.16 5.84
C ALA C 111 8.85 5.33 6.80
N GLY C 112 8.10 6.41 6.67
CA GLY C 112 8.24 7.55 7.56
C GLY C 112 9.27 8.59 7.09
N ILE C 113 9.74 8.49 5.83
CA ILE C 113 10.88 9.28 5.38
C ILE C 113 10.38 10.41 4.48
N VAL C 114 10.06 11.54 5.11
CA VAL C 114 9.32 12.59 4.46
C VAL C 114 10.14 13.18 3.32
N ASP C 115 11.47 13.28 3.48
CA ASP C 115 12.29 13.91 2.44
C ASP C 115 12.20 13.06 1.16
N ALA C 116 12.06 11.76 1.30
CA ALA C 116 11.86 10.90 0.16
C ALA C 116 10.42 11.04 -0.32
N GLY C 117 9.47 11.00 0.63
CA GLY C 117 8.06 11.19 0.37
C GLY C 117 7.74 12.41 -0.50
N LEU C 118 8.46 13.51 -0.30
CA LEU C 118 8.09 14.77 -0.93
C LEU C 118 9.14 15.27 -1.92
N SER C 119 10.16 14.45 -2.16
CA SER C 119 11.20 14.67 -3.16
C SER C 119 10.60 15.06 -4.50
N ARG C 120 11.07 16.20 -5.04
CA ARG C 120 10.81 16.65 -6.40
C ARG C 120 11.69 15.93 -7.42
N GLY C 121 12.46 14.92 -6.98
CA GLY C 121 13.39 14.21 -7.85
C GLY C 121 12.70 13.49 -9.01
N LEU C 122 13.37 13.52 -10.17
CA LEU C 122 12.83 12.94 -11.39
C LEU C 122 13.52 11.60 -11.63
N ALA C 123 12.94 10.83 -12.58
CA ALA C 123 13.50 9.60 -13.13
C ALA C 123 13.21 9.52 -14.62
N GLY C 124 14.13 8.96 -15.43
CA GLY C 124 13.95 9.03 -16.86
C GLY C 124 15.12 8.44 -17.64
N ILE C 125 14.98 8.40 -18.98
CA ILE C 125 16.01 7.93 -19.90
C ILE C 125 16.57 9.14 -20.63
N SER C 126 17.91 9.19 -20.66
CA SER C 126 18.68 10.09 -21.50
C SER C 126 19.65 9.23 -22.31
N GLY C 127 19.64 9.41 -23.63
CA GLY C 127 20.24 8.43 -24.52
C GLY C 127 19.74 7.04 -24.20
N SER C 128 20.61 6.20 -23.67
CA SER C 128 20.21 4.90 -23.17
C SER C 128 20.68 4.74 -21.72
N THR C 129 20.75 5.89 -21.03
CA THR C 129 21.15 5.95 -19.63
C THR C 129 19.91 6.18 -18.77
N LEU C 130 19.73 5.36 -17.71
CA LEU C 130 18.68 5.58 -16.72
C LEU C 130 19.14 6.60 -15.67
N VAL C 131 18.48 7.76 -15.56
CA VAL C 131 18.83 8.81 -14.62
C VAL C 131 17.77 8.87 -13.54
N VAL C 132 18.21 8.98 -12.25
CA VAL C 132 17.32 8.99 -11.08
C VAL C 132 17.88 9.91 -10.01
N ASN C 133 17.07 10.90 -9.60
CA ASN C 133 17.30 11.79 -8.48
C ASN C 133 16.75 11.18 -7.19
N ILE C 134 17.62 10.93 -6.21
CA ILE C 134 17.25 10.47 -4.86
C ILE C 134 17.49 11.63 -3.90
N ALA C 135 16.64 11.77 -2.88
CA ALA C 135 16.79 12.77 -1.83
C ALA C 135 18.01 12.46 -0.98
N GLY C 136 18.34 13.42 -0.11
CA GLY C 136 19.67 13.55 0.48
C GLY C 136 19.86 12.73 1.75
N SER C 137 18.82 12.60 2.58
CA SER C 137 18.95 11.96 3.88
C SER C 137 19.39 10.50 3.74
N ARG C 138 20.09 10.00 4.76
CA ARG C 138 20.67 8.67 4.78
C ARG C 138 19.56 7.64 4.58
N ALA C 139 18.44 7.81 5.31
CA ALA C 139 17.29 6.93 5.21
C ALA C 139 16.69 6.89 3.80
N ALA C 140 16.67 8.03 3.12
CA ALA C 140 16.14 8.12 1.76
C ALA C 140 17.03 7.35 0.80
N VAL C 141 18.35 7.47 0.97
CA VAL C 141 19.28 6.76 0.12
C VAL C 141 19.04 5.25 0.28
N ARG C 142 18.82 4.81 1.53
CA ARG C 142 18.70 3.39 1.80
C ARG C 142 17.38 2.87 1.25
N ASP C 143 16.30 3.61 1.55
CA ASP C 143 14.98 3.20 1.10
C ASP C 143 14.92 3.31 -0.43
N GLY C 144 15.49 4.41 -0.94
CA GLY C 144 15.46 4.62 -2.37
C GLY C 144 16.18 3.51 -3.11
N MET C 145 17.40 3.22 -2.66
CA MET C 145 18.22 2.27 -3.38
C MET C 145 17.59 0.88 -3.29
N ALA C 146 16.98 0.51 -2.15
CA ALA C 146 16.39 -0.83 -2.06
C ALA C 146 15.26 -0.96 -3.08
N THR C 147 14.54 0.16 -3.30
CA THR C 147 13.41 0.19 -4.20
C THR C 147 13.89 0.22 -5.64
N LEU C 148 14.79 1.17 -5.92
CA LEU C 148 15.29 1.40 -7.26
C LEU C 148 15.98 0.16 -7.84
N GLY C 149 16.74 -0.58 -7.03
CA GLY C 149 17.61 -1.64 -7.55
C GLY C 149 17.03 -2.56 -8.64
N PRO C 150 16.00 -3.34 -8.26
CA PRO C 150 15.29 -4.19 -9.23
C PRO C 150 14.57 -3.44 -10.35
N LEU C 151 14.18 -2.18 -10.13
CA LEU C 151 13.56 -1.45 -11.21
C LEU C 151 14.61 -1.13 -12.26
N ALA C 152 15.77 -0.66 -11.79
CA ALA C 152 16.94 -0.39 -12.64
C ALA C 152 17.34 -1.65 -13.41
N VAL C 153 17.47 -2.75 -12.68
CA VAL C 153 17.90 -4.03 -13.33
C VAL C 153 16.95 -4.32 -14.49
N GLN C 154 15.64 -4.18 -14.28
CA GLN C 154 14.68 -4.53 -15.34
C GLN C 154 14.83 -3.56 -16.51
N ILE C 155 15.02 -2.28 -16.22
CA ILE C 155 15.07 -1.31 -17.31
C ILE C 155 16.35 -1.50 -18.12
N ILE C 156 17.45 -1.78 -17.43
CA ILE C 156 18.71 -2.05 -18.10
C ILE C 156 18.57 -3.30 -18.98
N GLY C 157 17.67 -4.20 -18.63
CA GLY C 157 17.45 -5.35 -19.50
C GLY C 157 16.85 -4.94 -20.82
N GLN C 158 15.78 -4.15 -20.78
CA GLN C 158 15.05 -3.78 -22.02
C GLN C 158 15.77 -2.67 -22.80
N LEU C 159 17.05 -2.40 -22.55
CA LEU C 159 17.69 -1.29 -23.26
C LEU C 159 18.96 -1.75 -23.97
N LEU D 7 5.66 -26.78 -15.40
CA LEU D 7 6.67 -25.94 -14.72
C LEU D 7 6.65 -26.29 -13.23
N VAL D 8 5.74 -25.71 -12.42
CA VAL D 8 6.04 -25.46 -11.00
C VAL D 8 5.53 -26.56 -10.06
N GLY D 9 4.27 -26.96 -10.20
CA GLY D 9 3.68 -28.00 -9.37
C GLY D 9 2.23 -28.32 -9.76
N ARG D 10 1.58 -29.17 -8.96
CA ARG D 10 0.22 -29.59 -9.19
C ARG D 10 -0.67 -28.90 -8.16
N ALA D 11 -1.90 -28.60 -8.55
CA ALA D 11 -2.86 -27.99 -7.64
C ALA D 11 -4.23 -28.67 -7.72
N LEU D 12 -4.99 -28.56 -6.62
CA LEU D 12 -6.39 -28.95 -6.63
C LEU D 12 -7.25 -27.79 -6.13
N VAL D 13 -8.40 -27.61 -6.77
CA VAL D 13 -9.34 -26.54 -6.47
C VAL D 13 -10.57 -27.13 -5.77
N ILE D 14 -10.90 -26.58 -4.59
CA ILE D 14 -12.15 -26.85 -3.90
C ILE D 14 -13.02 -25.61 -4.00
N VAL D 15 -14.18 -25.75 -4.67
CA VAL D 15 -15.22 -24.74 -4.71
C VAL D 15 -16.20 -24.97 -3.55
N VAL D 16 -16.30 -23.99 -2.64
CA VAL D 16 -17.27 -24.00 -1.55
C VAL D 16 -18.48 -23.18 -1.96
N ASP D 17 -19.62 -23.83 -2.25
CA ASP D 17 -20.84 -23.14 -2.66
C ASP D 17 -22.03 -24.12 -2.62
N ASP D 18 -23.01 -23.81 -1.78
CA ASP D 18 -24.20 -24.63 -1.67
C ASP D 18 -24.90 -24.78 -3.01
N ARG D 19 -25.06 -23.65 -3.71
CA ARG D 19 -25.79 -23.61 -4.97
C ARG D 19 -25.18 -24.61 -5.96
N THR D 20 -23.84 -24.58 -6.04
CA THR D 20 -23.08 -25.37 -6.99
C THR D 20 -23.11 -26.84 -6.58
N ALA D 21 -23.18 -27.12 -5.27
CA ALA D 21 -23.10 -28.48 -4.76
C ALA D 21 -24.40 -29.24 -5.01
N HIS D 22 -25.49 -28.48 -5.27
CA HIS D 22 -26.84 -29.03 -5.40
C HIS D 22 -27.24 -29.17 -6.88
N GLU D 24 -25.99 -26.85 -10.12
CA GLU D 24 -25.83 -25.55 -10.84
C GLU D 24 -24.38 -25.34 -11.27
N GLU D 25 -24.19 -24.87 -12.51
CA GLU D 25 -22.88 -24.77 -13.13
C GLU D 25 -21.92 -23.96 -12.25
N ASP D 26 -20.75 -24.55 -12.02
CA ASP D 26 -19.66 -23.98 -11.24
C ASP D 26 -18.96 -22.87 -12.03
N HIS D 27 -18.88 -21.67 -11.42
CA HIS D 27 -18.37 -20.50 -12.12
C HIS D 27 -16.87 -20.33 -11.83
N SER D 28 -16.50 -20.56 -10.58
CA SER D 28 -15.16 -20.31 -10.07
C SER D 28 -14.16 -21.35 -10.55
N GLY D 29 -14.56 -22.63 -10.64
CA GLY D 29 -13.61 -23.70 -10.86
C GLY D 29 -12.79 -23.48 -12.12
N PRO D 30 -13.45 -23.27 -13.28
CA PRO D 30 -12.74 -23.02 -14.53
C PRO D 30 -11.82 -21.79 -14.47
N LEU D 31 -12.30 -20.72 -13.82
CA LEU D 31 -11.50 -19.52 -13.66
C LEU D 31 -10.24 -19.80 -12.84
N VAL D 32 -10.40 -20.43 -11.68
CA VAL D 32 -9.22 -20.71 -10.87
C VAL D 32 -8.21 -21.52 -11.69
N THR D 33 -8.69 -22.58 -12.36
CA THR D 33 -7.88 -23.44 -13.21
C THR D 33 -7.10 -22.59 -14.23
N GLU D 34 -7.83 -21.75 -14.95
CA GLU D 34 -7.25 -20.80 -15.90
C GLU D 34 -6.04 -20.08 -15.30
N LEU D 35 -6.25 -19.42 -14.14
CA LEU D 35 -5.21 -18.58 -13.57
C LEU D 35 -4.09 -19.42 -12.94
N LEU D 36 -4.45 -20.53 -12.29
CA LEU D 36 -3.43 -21.44 -11.79
C LEU D 36 -2.51 -21.85 -12.94
N GLY D 37 -3.08 -22.14 -14.13
CA GLY D 37 -2.29 -22.40 -15.33
C GLY D 37 -1.26 -21.32 -15.65
N GLU D 38 -1.67 -20.05 -15.61
CA GLU D 38 -0.80 -18.94 -15.96
C GLU D 38 0.30 -18.80 -14.91
N ALA D 39 0.02 -19.31 -13.72
CA ALA D 39 0.96 -19.18 -12.63
C ALA D 39 1.92 -20.36 -12.67
N GLY D 40 1.59 -21.36 -13.51
CA GLY D 40 2.46 -22.48 -13.81
C GLY D 40 2.05 -23.79 -13.12
N PHE D 41 0.78 -23.92 -12.68
CA PHE D 41 0.30 -25.13 -12.04
C PHE D 41 -0.54 -25.97 -13.00
N VAL D 42 -0.35 -27.29 -12.92
CA VAL D 42 -1.27 -28.25 -13.52
C VAL D 42 -2.39 -28.44 -12.52
N VAL D 43 -3.64 -28.37 -12.95
CA VAL D 43 -4.76 -28.58 -12.06
C VAL D 43 -5.23 -30.03 -12.17
N ASP D 44 -5.17 -30.77 -11.05
CA ASP D 44 -5.66 -32.13 -11.01
C ASP D 44 -7.16 -32.14 -11.19
N GLY D 45 -7.82 -31.06 -10.74
CA GLY D 45 -9.23 -30.88 -11.05
C GLY D 45 -9.97 -30.22 -9.90
N VAL D 46 -11.27 -30.01 -10.13
CA VAL D 46 -12.08 -29.15 -9.30
C VAL D 46 -13.06 -30.03 -8.53
N VAL D 47 -12.90 -30.07 -7.20
CA VAL D 47 -13.88 -30.66 -6.32
C VAL D 47 -14.86 -29.57 -5.94
N VAL D 48 -16.16 -29.87 -5.98
CA VAL D 48 -17.18 -28.96 -5.48
C VAL D 48 -17.76 -29.52 -4.19
N VAL D 49 -18.22 -28.62 -3.31
CA VAL D 49 -18.52 -28.98 -1.93
C VAL D 49 -19.50 -27.98 -1.31
N ALA D 50 -20.58 -28.50 -0.73
CA ALA D 50 -21.54 -27.69 0.00
C ALA D 50 -20.82 -26.95 1.11
N SER D 51 -21.44 -25.88 1.60
CA SER D 51 -20.80 -25.00 2.56
C SER D 51 -20.95 -25.57 3.97
N ASP D 52 -20.19 -26.66 4.23
CA ASP D 52 -20.31 -27.44 5.46
C ASP D 52 -18.92 -27.72 6.02
N GLU D 53 -18.75 -27.48 7.32
CA GLU D 53 -17.46 -27.60 7.96
C GLU D 53 -16.83 -28.95 7.65
N VAL D 54 -17.56 -30.05 7.87
CA VAL D 54 -16.98 -31.40 7.85
C VAL D 54 -16.69 -31.81 6.40
N GLU D 55 -17.63 -31.53 5.48
CA GLU D 55 -17.48 -31.87 4.07
C GLU D 55 -16.27 -31.13 3.48
N ILE D 56 -16.14 -29.83 3.77
CA ILE D 56 -15.00 -29.05 3.33
C ILE D 56 -13.75 -29.68 3.89
N ARG D 57 -13.77 -29.98 5.18
CA ARG D 57 -12.56 -30.43 5.86
C ARG D 57 -12.05 -31.69 5.19
N ASN D 58 -12.96 -32.63 4.86
CA ASN D 58 -12.53 -33.90 4.31
C ASN D 58 -11.96 -33.72 2.91
N ALA D 59 -12.51 -32.78 2.12
CA ALA D 59 -11.94 -32.54 0.81
C ALA D 59 -10.53 -31.95 0.94
N LEU D 60 -10.30 -31.06 1.92
CA LEU D 60 -8.95 -30.56 2.18
C LEU D 60 -8.01 -31.69 2.61
N ASN D 61 -8.45 -32.49 3.60
CA ASN D 61 -7.76 -33.72 3.99
C ASN D 61 -7.42 -34.56 2.76
N THR D 62 -8.44 -34.95 1.99
CA THR D 62 -8.25 -35.86 0.87
C THR D 62 -7.08 -35.41 0.01
N ALA D 63 -6.97 -34.09 -0.17
CA ALA D 63 -6.03 -33.49 -1.09
C ALA D 63 -4.60 -33.47 -0.51
N VAL D 64 -4.45 -33.21 0.80
CA VAL D 64 -3.11 -33.15 1.38
C VAL D 64 -2.48 -34.54 1.33
N ILE D 65 -3.24 -35.52 1.83
CA ILE D 65 -2.98 -36.95 1.74
C ILE D 65 -2.75 -37.38 0.29
N GLY D 66 -3.47 -36.77 -0.66
CA GLY D 66 -3.39 -37.17 -2.06
C GLY D 66 -2.23 -36.56 -2.84
N GLY D 67 -1.36 -35.79 -2.16
CA GLY D 67 0.01 -35.51 -2.62
C GLY D 67 0.22 -34.14 -3.27
N VAL D 68 -0.87 -33.44 -3.54
CA VAL D 68 -0.84 -32.22 -4.35
C VAL D 68 -0.08 -31.12 -3.60
N ASP D 69 0.49 -30.15 -4.34
CA ASP D 69 1.37 -29.13 -3.79
C ASP D 69 0.60 -27.90 -3.32
N LEU D 70 -0.51 -27.61 -4.00
CA LEU D 70 -1.32 -26.44 -3.68
C LEU D 70 -2.80 -26.79 -3.71
N VAL D 71 -3.51 -26.49 -2.60
CA VAL D 71 -4.96 -26.58 -2.55
C VAL D 71 -5.53 -25.17 -2.39
N VAL D 72 -6.42 -24.77 -3.31
CA VAL D 72 -7.08 -23.47 -3.24
C VAL D 72 -8.57 -23.67 -2.97
N SER D 73 -9.09 -23.01 -1.91
CA SER D 73 -10.52 -23.05 -1.62
C SER D 73 -11.13 -21.77 -2.17
N VAL D 74 -12.35 -21.81 -2.66
CA VAL D 74 -13.04 -20.59 -3.04
C VAL D 74 -14.39 -20.55 -2.32
N GLY D 75 -14.54 -19.56 -1.42
CA GLY D 75 -15.81 -19.25 -0.79
C GLY D 75 -15.85 -19.67 0.67
N GLY D 76 -16.86 -19.17 1.38
CA GLY D 76 -17.14 -19.63 2.72
C GLY D 76 -16.29 -18.91 3.76
N THR D 77 -15.82 -17.71 3.38
CA THR D 77 -14.86 -16.96 4.19
C THR D 77 -15.49 -15.76 4.88
N GLY D 78 -16.77 -15.47 4.57
CA GLY D 78 -17.42 -14.29 5.11
C GLY D 78 -17.84 -14.47 6.57
N VAL D 79 -18.87 -13.72 6.96
CA VAL D 79 -19.28 -13.67 8.40
C VAL D 79 -20.55 -14.48 8.67
N THR D 80 -21.36 -14.68 7.63
CA THR D 80 -22.63 -15.44 7.80
C THR D 80 -22.34 -16.81 8.43
N PRO D 81 -23.31 -17.45 9.10
CA PRO D 81 -23.06 -18.71 9.82
C PRO D 81 -22.56 -19.86 8.95
N ARG D 82 -22.99 -19.90 7.68
CA ARG D 82 -22.61 -20.98 6.78
C ARG D 82 -21.20 -20.76 6.22
N ASP D 83 -20.56 -19.66 6.64
CA ASP D 83 -19.21 -19.38 6.22
C ASP D 83 -18.27 -20.08 7.20
N VAL D 84 -17.96 -21.34 6.91
CA VAL D 84 -17.26 -22.19 7.86
C VAL D 84 -15.91 -22.63 7.29
N THR D 85 -15.51 -22.08 6.14
CA THR D 85 -14.34 -22.59 5.46
C THR D 85 -13.13 -22.44 6.35
N PRO D 86 -12.98 -21.32 7.09
CA PRO D 86 -11.85 -21.16 8.03
C PRO D 86 -11.81 -22.21 9.14
N GLU D 87 -12.96 -22.45 9.75
CA GLU D 87 -13.08 -23.51 10.75
C GLU D 87 -12.72 -24.87 10.13
N ALA D 88 -13.15 -25.10 8.88
CA ALA D 88 -12.81 -26.31 8.16
C ALA D 88 -11.30 -26.48 8.05
N THR D 89 -10.57 -25.36 7.91
CA THR D 89 -9.20 -25.37 7.40
C THR D 89 -8.16 -25.44 8.51
N ARG D 90 -8.53 -25.05 9.73
CA ARG D 90 -7.52 -24.76 10.73
C ARG D 90 -6.97 -26.06 11.36
N GLU D 91 -7.77 -27.12 11.54
CA GLU D 91 -7.19 -28.28 12.20
C GLU D 91 -6.12 -28.90 11.28
N LEU D 92 -6.08 -28.56 9.98
CA LEU D 92 -5.21 -29.22 9.00
C LEU D 92 -3.83 -28.57 8.85
N LEU D 93 -3.62 -27.36 9.38
CA LEU D 93 -2.37 -26.62 9.19
C LEU D 93 -1.36 -27.03 10.25
N ASP D 94 -0.12 -27.28 9.83
CA ASP D 94 0.98 -27.45 10.75
C ASP D 94 1.70 -26.11 10.90
N ARG D 95 1.50 -25.19 9.94
CA ARG D 95 2.21 -23.92 9.94
C ARG D 95 1.36 -22.88 9.21
N GLU D 96 1.00 -21.82 9.94
CA GLU D 96 0.22 -20.73 9.41
C GLU D 96 1.17 -19.80 8.64
N LEU D 97 0.70 -19.34 7.49
CA LEU D 97 1.47 -18.34 6.71
C LEU D 97 0.58 -17.10 6.63
N LEU D 98 0.55 -16.31 7.71
CA LEU D 98 -0.33 -15.11 7.77
C LEU D 98 0.03 -14.14 6.65
N GLY D 99 1.28 -14.09 6.24
CA GLY D 99 1.65 -13.14 5.21
C GLY D 99 0.97 -13.35 3.85
N ILE D 100 0.44 -14.57 3.61
CA ILE D 100 -0.38 -14.77 2.43
C ILE D 100 -1.77 -14.19 2.66
N SER D 101 -2.46 -14.66 3.71
CA SER D 101 -3.74 -14.11 4.11
C SER D 101 -3.64 -12.59 4.09
N GLU D 102 -2.56 -12.07 4.69
CA GLU D 102 -2.37 -10.63 4.82
C GLU D 102 -2.28 -9.96 3.47
N ALA D 103 -1.56 -10.57 2.54
CA ALA D 103 -1.29 -9.94 1.25
C ALA D 103 -2.57 -9.81 0.45
N LEU D 104 -3.31 -10.93 0.38
CA LEU D 104 -4.58 -11.04 -0.31
C LEU D 104 -5.54 -9.96 0.23
N ARG D 105 -5.77 -9.98 1.56
CA ARG D 105 -6.66 -9.02 2.20
C ARG D 105 -6.29 -7.59 1.81
N ALA D 106 -5.00 -7.27 1.98
CA ALA D 106 -4.47 -5.95 1.69
C ALA D 106 -4.70 -5.61 0.21
N SER D 107 -4.46 -6.57 -0.69
CA SER D 107 -4.63 -6.34 -2.13
C SER D 107 -6.10 -6.13 -2.51
N GLY D 108 -6.97 -7.02 -2.02
CA GLY D 108 -8.40 -6.95 -2.26
C GLY D 108 -9.03 -5.64 -1.77
N LEU D 109 -8.70 -5.24 -0.54
CA LEU D 109 -9.18 -3.98 0.02
C LEU D 109 -8.61 -2.79 -0.72
N ALA D 110 -7.34 -2.90 -1.13
CA ALA D 110 -6.72 -1.87 -1.94
C ALA D 110 -7.51 -1.70 -3.23
N ALA D 111 -7.98 -2.82 -3.83
CA ALA D 111 -8.75 -2.83 -5.06
C ALA D 111 -10.26 -2.61 -4.81
N GLY D 112 -10.68 -2.39 -3.56
CA GLY D 112 -12.06 -2.07 -3.26
C GLY D 112 -12.97 -3.30 -3.17
N ILE D 113 -12.36 -4.48 -2.94
CA ILE D 113 -13.11 -5.73 -2.96
C ILE D 113 -13.24 -6.20 -1.53
N VAL D 114 -14.47 -6.11 -1.03
CA VAL D 114 -14.64 -6.00 0.40
C VAL D 114 -14.67 -7.41 0.97
N ASP D 115 -15.12 -8.40 0.17
CA ASP D 115 -15.15 -9.77 0.67
C ASP D 115 -13.75 -10.38 0.65
N ALA D 116 -12.90 -9.95 -0.30
CA ALA D 116 -11.49 -10.25 -0.20
C ALA D 116 -10.85 -9.49 0.95
N GLY D 117 -11.24 -8.22 1.12
CA GLY D 117 -10.59 -7.37 2.10
C GLY D 117 -10.84 -7.85 3.52
N LEU D 118 -12.05 -8.40 3.76
CA LEU D 118 -12.45 -8.80 5.10
C LEU D 118 -12.50 -10.31 5.27
N SER D 119 -12.03 -11.07 4.29
CA SER D 119 -12.13 -12.53 4.29
C SER D 119 -11.40 -13.11 5.50
N ARG D 120 -11.99 -14.12 6.15
CA ARG D 120 -11.36 -14.80 7.27
C ARG D 120 -10.64 -16.07 6.81
N GLY D 121 -10.41 -16.19 5.50
CA GLY D 121 -9.63 -17.28 4.92
C GLY D 121 -8.21 -17.35 5.44
N LEU D 122 -7.76 -18.60 5.62
CA LEU D 122 -6.46 -18.90 6.19
C LEU D 122 -5.50 -19.38 5.11
N ALA D 123 -4.23 -19.58 5.49
CA ALA D 123 -3.18 -19.97 4.57
C ALA D 123 -2.02 -20.56 5.36
N GLY D 124 -1.43 -21.63 4.85
CA GLY D 124 -0.41 -22.35 5.59
C GLY D 124 -0.02 -23.66 4.93
N ILE D 125 0.76 -24.45 5.66
CA ILE D 125 1.33 -25.69 5.15
C ILE D 125 0.72 -26.86 5.93
N SER D 126 0.07 -27.77 5.23
CA SER D 126 -0.40 -28.99 5.85
C SER D 126 0.34 -30.15 5.22
N GLY D 127 1.19 -30.81 6.03
CA GLY D 127 2.17 -31.77 5.52
C GLY D 127 3.19 -31.08 4.63
N SER D 128 3.12 -31.29 3.32
CA SER D 128 4.03 -30.61 2.42
C SER D 128 3.23 -29.93 1.33
N THR D 129 1.99 -29.55 1.68
CA THR D 129 1.03 -28.93 0.78
C THR D 129 0.76 -27.49 1.21
N LEU D 130 0.70 -26.58 0.23
CA LEU D 130 0.28 -25.22 0.47
C LEU D 130 -1.24 -25.15 0.35
N VAL D 131 -1.92 -24.70 1.42
CA VAL D 131 -3.37 -24.58 1.47
C VAL D 131 -3.75 -23.10 1.60
N VAL D 132 -4.63 -22.61 0.73
CA VAL D 132 -5.02 -21.21 0.79
C VAL D 132 -6.51 -21.06 0.50
N ASN D 133 -7.25 -20.49 1.45
CA ASN D 133 -8.65 -20.13 1.27
C ASN D 133 -8.75 -18.74 0.64
N ILE D 134 -9.48 -18.66 -0.47
CA ILE D 134 -9.80 -17.41 -1.13
C ILE D 134 -11.30 -17.20 -1.04
N ALA D 135 -11.72 -15.93 -1.12
CA ALA D 135 -13.11 -15.53 -0.99
C ALA D 135 -13.82 -15.83 -2.30
N GLY D 136 -15.16 -15.69 -2.30
CA GLY D 136 -16.03 -16.34 -3.27
C GLY D 136 -16.39 -15.48 -4.47
N SER D 137 -16.38 -14.15 -4.31
CA SER D 137 -16.84 -13.27 -5.38
C SER D 137 -15.88 -13.39 -6.57
N ARG D 138 -16.35 -13.02 -7.77
CA ARG D 138 -15.54 -13.21 -8.95
C ARG D 138 -14.30 -12.30 -8.91
N ALA D 139 -14.52 -11.06 -8.48
CA ALA D 139 -13.47 -10.07 -8.37
C ALA D 139 -12.37 -10.57 -7.43
N ALA D 140 -12.80 -11.19 -6.31
CA ALA D 140 -11.94 -11.70 -5.26
C ALA D 140 -11.04 -12.82 -5.76
N VAL D 141 -11.60 -13.66 -6.64
CA VAL D 141 -10.86 -14.77 -7.24
C VAL D 141 -9.75 -14.18 -8.12
N ARG D 142 -10.07 -13.18 -8.95
CA ARG D 142 -9.10 -12.67 -9.91
C ARG D 142 -7.96 -12.01 -9.16
N ASP D 143 -8.26 -11.02 -8.32
CA ASP D 143 -7.28 -10.40 -7.43
C ASP D 143 -6.55 -11.41 -6.53
N GLY D 144 -7.26 -12.39 -5.94
CA GLY D 144 -6.61 -13.35 -5.07
C GLY D 144 -5.54 -14.17 -5.81
N MET D 145 -5.91 -14.65 -6.99
CA MET D 145 -5.03 -15.53 -7.74
C MET D 145 -3.85 -14.74 -8.30
N ALA D 146 -4.09 -13.49 -8.70
CA ALA D 146 -3.04 -12.65 -9.25
C ALA D 146 -2.01 -12.33 -8.20
N THR D 147 -2.47 -12.28 -6.94
CA THR D 147 -1.60 -12.05 -5.80
C THR D 147 -0.99 -13.36 -5.30
N LEU D 148 -1.68 -14.50 -5.44
CA LEU D 148 -1.32 -15.71 -4.71
C LEU D 148 -0.03 -16.34 -5.28
N PRO D 150 2.43 -17.16 -7.35
CA PRO D 150 3.65 -16.28 -7.27
C PRO D 150 4.24 -16.33 -5.87
N LEU D 151 3.42 -15.99 -4.88
CA LEU D 151 3.76 -16.39 -3.52
C LEU D 151 3.73 -17.91 -3.48
N ALA D 152 2.74 -18.46 -4.21
CA ALA D 152 2.60 -19.89 -4.37
C ALA D 152 3.91 -20.48 -4.90
N VAL D 153 4.44 -19.94 -5.99
CA VAL D 153 5.60 -20.57 -6.63
C VAL D 153 6.78 -20.50 -5.66
N GLN D 154 6.96 -19.37 -4.97
CA GLN D 154 8.07 -19.23 -4.05
C GLN D 154 8.01 -20.36 -3.04
N ILE D 155 6.83 -20.58 -2.46
CA ILE D 155 6.68 -21.41 -1.26
C ILE D 155 6.84 -22.89 -1.61
N ILE D 156 6.35 -23.26 -2.78
CA ILE D 156 6.44 -24.63 -3.24
C ILE D 156 7.89 -24.91 -3.64
N GLY D 157 8.64 -23.85 -3.92
CA GLY D 157 10.07 -23.90 -4.07
C GLY D 157 10.80 -24.51 -2.87
N GLN D 158 10.15 -24.55 -1.69
CA GLN D 158 10.75 -25.16 -0.50
C GLN D 158 9.65 -25.87 0.31
N LEU E 7 21.18 7.72 22.86
CA LEU E 7 20.97 6.27 23.15
C LEU E 7 19.49 6.04 23.42
N VAL E 8 18.79 5.43 22.46
CA VAL E 8 17.34 5.14 22.65
C VAL E 8 17.20 3.85 23.45
N GLY E 9 18.28 3.06 23.55
CA GLY E 9 18.21 1.79 24.28
C GLY E 9 19.24 0.77 23.77
N ARG E 10 19.25 -0.44 24.35
CA ARG E 10 20.24 -1.43 23.98
C ARG E 10 19.58 -2.63 23.29
N ALA E 11 20.42 -3.36 22.57
CA ALA E 11 19.93 -4.41 21.69
C ALA E 11 20.88 -5.59 21.73
N LEU E 12 20.33 -6.80 21.69
CA LEU E 12 21.10 -8.00 21.44
C LEU E 12 20.66 -8.58 20.10
N VAL E 13 21.61 -9.03 19.27
CA VAL E 13 21.27 -9.63 17.99
C VAL E 13 21.53 -11.14 18.03
N ILE E 14 20.54 -11.90 17.57
CA ILE E 14 20.68 -13.32 17.43
C ILE E 14 20.56 -13.63 15.96
N VAL E 15 21.58 -14.30 15.42
CA VAL E 15 21.70 -14.64 14.02
C VAL E 15 21.53 -16.14 13.93
N VAL E 16 20.43 -16.55 13.27
CA VAL E 16 20.01 -17.95 13.22
C VAL E 16 20.45 -18.51 11.87
N ASP E 17 21.60 -19.20 11.85
CA ASP E 17 22.14 -19.73 10.61
C ASP E 17 23.09 -20.88 10.93
N ASP E 18 22.81 -22.05 10.34
CA ASP E 18 23.71 -23.20 10.47
C ASP E 18 25.13 -22.84 10.03
N ARG E 19 25.27 -22.49 8.74
CA ARG E 19 26.56 -22.13 8.16
C ARG E 19 27.35 -21.28 9.15
N THR E 20 26.77 -20.15 9.59
CA THR E 20 27.49 -19.25 10.48
C THR E 20 27.86 -19.99 11.76
N ALA E 21 26.89 -20.74 12.30
CA ALA E 21 27.12 -21.47 13.53
C ALA E 21 28.29 -22.43 13.33
N HIS E 22 28.23 -23.32 12.32
CA HIS E 22 29.29 -24.29 12.08
C HIS E 22 30.48 -23.58 11.42
N GLU E 24 31.47 -20.49 9.19
CA GLU E 24 31.56 -19.44 8.13
C GLU E 24 31.31 -18.09 8.78
N GLU E 25 31.76 -17.01 8.15
CA GLU E 25 31.78 -15.69 8.75
C GLU E 25 30.39 -15.03 8.71
N ASP E 26 30.09 -14.33 9.81
CA ASP E 26 28.81 -13.67 10.01
C ASP E 26 28.74 -12.36 9.22
N HIS E 27 27.79 -12.29 8.28
CA HIS E 27 27.56 -11.09 7.48
C HIS E 27 26.39 -10.29 8.07
N SER E 28 25.31 -10.96 8.46
CA SER E 28 24.11 -10.28 8.95
C SER E 28 24.35 -9.45 10.22
N GLY E 29 25.05 -10.00 11.21
CA GLY E 29 25.20 -9.34 12.51
C GLY E 29 25.88 -7.97 12.48
N PRO E 30 27.09 -7.78 11.89
CA PRO E 30 27.63 -6.43 11.78
C PRO E 30 26.62 -5.50 11.09
N LEU E 31 25.87 -6.01 10.09
CA LEU E 31 24.91 -5.18 9.35
C LEU E 31 23.77 -4.72 10.28
N VAL E 32 23.13 -5.65 10.97
CA VAL E 32 22.09 -5.31 11.92
C VAL E 32 22.57 -4.20 12.86
N THR E 33 23.84 -4.26 13.26
CA THR E 33 24.40 -3.37 14.26
C THR E 33 24.55 -1.94 13.72
N GLU E 34 25.10 -1.84 12.50
CA GLU E 34 25.17 -0.59 11.76
C GLU E 34 23.76 0.04 11.70
N LEU E 35 22.77 -0.76 11.33
CA LEU E 35 21.45 -0.24 11.01
C LEU E 35 20.75 0.13 12.32
N LEU E 36 20.91 -0.73 13.34
CA LEU E 36 20.36 -0.43 14.66
C LEU E 36 20.97 0.85 15.24
N GLY E 37 22.28 1.05 15.05
CA GLY E 37 22.94 2.21 15.59
C GLY E 37 22.58 3.51 14.88
N GLU E 38 21.95 3.42 13.71
CA GLU E 38 21.46 4.61 13.02
C GLU E 38 20.15 5.05 13.69
N ALA E 39 19.34 4.07 14.14
CA ALA E 39 18.10 4.34 14.83
C ALA E 39 18.32 4.68 16.31
N GLY E 40 19.59 4.75 16.75
CA GLY E 40 19.95 5.27 18.06
C GLY E 40 20.35 4.19 19.07
N PHE E 41 20.21 2.90 18.70
CA PHE E 41 20.53 1.75 19.55
C PHE E 41 22.04 1.43 19.62
N VAL E 42 22.43 0.78 20.72
CA VAL E 42 23.76 0.23 20.90
C VAL E 42 23.56 -1.27 21.04
N VAL E 43 24.26 -2.02 20.21
CA VAL E 43 24.23 -3.46 20.22
C VAL E 43 25.27 -3.94 21.21
N ASP E 44 24.80 -4.64 22.24
CA ASP E 44 25.63 -5.22 23.29
C ASP E 44 26.36 -6.46 22.77
N GLY E 45 25.79 -7.17 21.78
CA GLY E 45 26.38 -8.41 21.31
C GLY E 45 25.60 -9.03 20.15
N VAL E 46 26.30 -9.83 19.35
CA VAL E 46 25.69 -10.75 18.42
C VAL E 46 25.89 -12.15 19.00
N VAL E 47 24.82 -12.94 18.98
CA VAL E 47 24.89 -14.33 19.40
C VAL E 47 24.48 -15.18 18.22
N VAL E 48 25.41 -16.01 17.72
CA VAL E 48 25.14 -16.91 16.60
C VAL E 48 24.64 -18.23 17.13
N VAL E 49 23.57 -18.75 16.53
CA VAL E 49 23.04 -20.06 16.89
C VAL E 49 22.67 -20.79 15.60
N ALA E 50 22.44 -22.11 15.73
CA ALA E 50 21.99 -22.89 14.59
C ALA E 50 20.46 -22.88 14.51
N SER E 51 19.93 -23.42 13.42
CA SER E 51 18.50 -23.43 13.17
C SER E 51 17.86 -24.58 13.96
N ASP E 52 18.06 -24.56 15.29
CA ASP E 52 17.52 -25.54 16.22
C ASP E 52 16.68 -24.80 17.26
N GLU E 53 15.42 -25.25 17.41
CA GLU E 53 14.42 -24.67 18.29
C GLU E 53 15.01 -24.37 19.68
N VAL E 54 15.68 -25.37 20.23
CA VAL E 54 16.19 -25.25 21.57
C VAL E 54 17.24 -24.14 21.59
N GLU E 55 18.18 -24.13 20.64
CA GLU E 55 19.28 -23.18 20.72
C GLU E 55 18.69 -21.77 20.70
N ILE E 56 17.75 -21.54 19.77
CA ILE E 56 17.23 -20.22 19.57
C ILE E 56 16.60 -19.73 20.86
N ARG E 57 15.75 -20.58 21.46
CA ARG E 57 14.97 -20.22 22.65
C ARG E 57 15.88 -19.88 23.83
N ASN E 58 16.96 -20.64 24.01
CA ASN E 58 17.88 -20.39 25.11
C ASN E 58 18.54 -19.03 24.91
N ALA E 59 19.00 -18.76 23.68
CA ALA E 59 19.65 -17.50 23.39
C ALA E 59 18.67 -16.35 23.64
N LEU E 60 17.41 -16.54 23.26
CA LEU E 60 16.41 -15.50 23.42
C LEU E 60 16.14 -15.22 24.90
N ASN E 61 15.97 -16.28 25.69
CA ASN E 61 15.70 -16.13 27.12
C ASN E 61 16.88 -15.45 27.83
N THR E 62 18.11 -15.85 27.48
CA THR E 62 19.33 -15.25 28.00
C THR E 62 19.44 -13.76 27.63
N ALA E 63 18.85 -13.36 26.50
CA ALA E 63 18.79 -11.96 26.11
C ALA E 63 17.81 -11.20 27.01
N VAL E 64 16.59 -11.73 27.16
CA VAL E 64 15.57 -11.11 27.99
C VAL E 64 16.07 -11.08 29.44
N ILE E 65 16.92 -12.06 29.82
CA ILE E 65 17.55 -12.16 31.14
C ILE E 65 18.74 -11.19 31.26
N GLY E 66 19.33 -10.78 30.13
CA GLY E 66 20.36 -9.75 30.09
C GLY E 66 19.79 -8.34 30.35
N GLY E 67 18.45 -8.21 30.24
CA GLY E 67 17.71 -6.99 30.57
C GLY E 67 17.61 -6.01 29.41
N VAL E 68 18.05 -6.45 28.23
CA VAL E 68 18.23 -5.55 27.10
C VAL E 68 16.88 -4.98 26.66
N ASP E 69 16.90 -3.85 25.95
CA ASP E 69 15.68 -3.19 25.49
C ASP E 69 15.12 -3.88 24.24
N LEU E 70 15.99 -4.38 23.37
CA LEU E 70 15.56 -4.97 22.10
C LEU E 70 16.37 -6.23 21.75
N VAL E 71 15.66 -7.27 21.34
CA VAL E 71 16.26 -8.49 20.85
C VAL E 71 15.74 -8.73 19.44
N VAL E 72 16.63 -8.78 18.44
CA VAL E 72 16.29 -8.94 17.04
C VAL E 72 16.94 -10.23 16.56
N SER E 73 16.13 -11.23 16.22
CA SER E 73 16.70 -12.41 15.61
C SER E 73 16.66 -12.20 14.10
N VAL E 74 17.51 -12.97 13.42
CA VAL E 74 17.78 -12.87 12.00
C VAL E 74 17.95 -14.28 11.42
N GLY E 75 17.03 -14.73 10.56
CA GLY E 75 17.02 -16.11 10.11
C GLY E 75 15.82 -16.94 10.61
N GLY E 76 15.52 -17.99 9.84
CA GLY E 76 14.85 -19.18 10.35
C GLY E 76 13.35 -19.00 10.46
N THR E 77 12.82 -18.13 9.56
CA THR E 77 11.43 -17.69 9.51
C THR E 77 10.70 -18.28 8.29
N GLY E 78 11.40 -19.09 7.50
CA GLY E 78 10.81 -19.62 6.27
C GLY E 78 9.94 -20.85 6.53
N VAL E 79 9.83 -21.71 5.52
CA VAL E 79 8.81 -22.72 5.52
C VAL E 79 9.42 -24.12 5.67
N THR E 80 10.75 -24.24 5.41
CA THR E 80 11.43 -25.53 5.42
C THR E 80 11.41 -26.06 6.84
N PRO E 81 11.72 -27.34 7.05
CA PRO E 81 11.32 -27.97 8.30
C PRO E 81 12.29 -27.53 9.39
N ARG E 82 13.36 -26.86 8.98
CA ARG E 82 14.42 -26.44 9.88
C ARG E 82 14.28 -24.97 10.25
N ASP E 83 13.34 -24.24 9.61
CA ASP E 83 12.99 -22.87 9.94
C ASP E 83 12.09 -22.85 11.19
N VAL E 84 12.70 -22.74 12.37
CA VAL E 84 11.96 -22.91 13.61
C VAL E 84 12.15 -21.72 14.56
N THR E 85 12.60 -20.56 14.05
CA THR E 85 12.72 -19.38 14.88
C THR E 85 11.36 -19.02 15.51
N PRO E 86 10.24 -18.97 14.72
CA PRO E 86 8.95 -18.50 15.22
C PRO E 86 8.42 -19.26 16.42
N GLU E 87 8.57 -20.59 16.40
CA GLU E 87 8.04 -21.46 17.44
C GLU E 87 9.02 -21.51 18.61
N ALA E 88 10.27 -21.10 18.41
CA ALA E 88 11.19 -20.93 19.53
C ALA E 88 10.89 -19.63 20.26
N THR E 89 10.03 -18.77 19.70
CA THR E 89 9.85 -17.41 20.19
C THR E 89 8.48 -17.23 20.84
N ARG E 90 7.49 -18.02 20.40
CA ARG E 90 6.11 -17.78 20.79
C ARG E 90 5.98 -17.96 22.30
N GLU E 91 6.68 -18.96 22.82
CA GLU E 91 6.51 -19.40 24.19
C GLU E 91 6.90 -18.29 25.18
N LEU E 92 7.74 -17.33 24.77
CA LEU E 92 8.20 -16.35 25.75
C LEU E 92 7.61 -14.96 25.52
N LEU E 93 6.66 -14.83 24.60
CA LEU E 93 5.98 -13.55 24.47
C LEU E 93 4.81 -13.47 25.45
N ASP E 94 4.74 -12.36 26.19
CA ASP E 94 3.57 -12.09 26.98
C ASP E 94 2.53 -11.40 26.10
N ARG E 95 2.97 -10.67 25.07
CA ARG E 95 2.04 -9.99 24.17
C ARG E 95 2.58 -9.91 22.74
N GLU E 96 1.77 -10.35 21.78
CA GLU E 96 2.08 -10.32 20.36
C GLU E 96 1.85 -8.90 19.81
N LEU E 97 2.79 -8.42 18.99
CA LEU E 97 2.73 -7.11 18.37
C LEU E 97 2.54 -7.24 16.85
N LEU E 98 1.43 -7.87 16.45
CA LEU E 98 1.14 -8.16 15.05
C LEU E 98 1.50 -6.99 14.16
N GLY E 99 1.23 -5.76 14.59
CA GLY E 99 1.34 -4.61 13.70
C GLY E 99 2.77 -4.34 13.24
N ILE E 100 3.75 -4.86 13.99
CA ILE E 100 5.16 -4.86 13.62
C ILE E 100 5.41 -5.94 12.56
N SER E 101 4.98 -7.18 12.87
CA SER E 101 5.02 -8.32 11.99
C SER E 101 4.30 -8.02 10.67
N GLU E 102 3.19 -7.25 10.72
CA GLU E 102 2.40 -6.91 9.54
C GLU E 102 3.13 -5.84 8.74
N ALA E 103 3.77 -4.89 9.45
CA ALA E 103 4.40 -3.76 8.81
C ALA E 103 5.59 -4.25 7.97
N LEU E 104 6.37 -5.18 8.55
CA LEU E 104 7.55 -5.79 7.94
C LEU E 104 7.19 -6.57 6.68
N ARG E 105 6.25 -7.53 6.79
CA ARG E 105 5.80 -8.35 5.68
C ARG E 105 5.23 -7.46 4.59
N ALA E 106 4.52 -6.42 4.98
CA ALA E 106 3.91 -5.52 4.02
C ALA E 106 5.01 -4.75 3.31
N SER E 107 5.98 -4.22 4.07
CA SER E 107 7.08 -3.49 3.45
C SER E 107 7.92 -4.38 2.54
N GLY E 108 8.28 -5.58 3.03
CA GLY E 108 9.04 -6.56 2.27
C GLY E 108 8.38 -6.93 0.93
N LEU E 109 7.07 -7.25 1.01
CA LEU E 109 6.25 -7.63 -0.13
C LEU E 109 6.24 -6.53 -1.19
N ALA E 110 6.23 -5.27 -0.74
CA ALA E 110 6.19 -4.14 -1.65
C ALA E 110 7.56 -3.89 -2.26
N ALA E 111 8.63 -4.30 -1.59
CA ALA E 111 9.96 -4.16 -2.13
C ALA E 111 10.34 -5.31 -3.07
N GLY E 112 9.49 -6.33 -3.15
CA GLY E 112 9.74 -7.48 -4.00
C GLY E 112 10.50 -8.59 -3.27
N ILE E 113 10.65 -8.47 -1.93
CA ILE E 113 11.44 -9.37 -1.09
C ILE E 113 10.55 -10.46 -0.51
N VAL E 114 10.44 -11.55 -1.26
CA VAL E 114 9.44 -12.55 -0.99
C VAL E 114 9.67 -13.20 0.39
N ASP E 115 10.93 -13.35 0.84
CA ASP E 115 11.20 -14.03 2.10
C ASP E 115 10.78 -13.20 3.32
N ALA E 116 10.95 -11.87 3.23
CA ALA E 116 10.38 -10.90 4.16
C ALA E 116 8.85 -10.87 4.06
N GLY E 117 8.32 -10.74 2.84
CA GLY E 117 6.90 -10.85 2.55
C GLY E 117 6.17 -12.00 3.25
N LEU E 118 6.76 -13.19 3.32
CA LEU E 118 6.06 -14.39 3.82
C LEU E 118 6.65 -14.91 5.13
N SER E 119 7.54 -14.12 5.72
CA SER E 119 8.16 -14.53 6.97
C SER E 119 7.05 -14.90 7.93
N ARG E 120 7.29 -15.94 8.75
CA ARG E 120 6.41 -16.37 9.82
C ARG E 120 6.91 -15.83 11.15
N GLY E 121 7.89 -14.91 11.05
CA GLY E 121 8.47 -14.27 12.21
C GLY E 121 7.44 -13.45 12.98
N LEU E 122 7.47 -13.69 14.29
CA LEU E 122 6.69 -13.03 15.32
C LEU E 122 7.37 -11.72 15.77
N ALA E 123 6.58 -10.81 16.35
CA ALA E 123 7.05 -9.72 17.18
C ALA E 123 6.24 -9.71 18.48
N GLY E 124 6.77 -9.07 19.54
CA GLY E 124 6.09 -9.09 20.82
C GLY E 124 6.96 -8.62 21.96
N ILE E 125 6.33 -8.40 23.14
CA ILE E 125 7.00 -7.97 24.36
C ILE E 125 7.24 -9.19 25.22
N SER E 126 8.43 -9.29 25.79
CA SER E 126 8.73 -10.34 26.78
C SER E 126 9.16 -9.62 28.04
N GLY E 127 8.24 -9.40 28.99
CA GLY E 127 8.55 -8.62 30.19
C GLY E 127 8.60 -7.15 29.84
N SER E 128 9.79 -6.57 29.77
CA SER E 128 9.94 -5.16 29.35
C SER E 128 10.85 -5.15 28.12
N THR E 129 10.95 -6.27 27.43
CA THR E 129 11.88 -6.41 26.33
C THR E 129 11.09 -6.62 25.04
N LEU E 130 11.35 -5.79 24.02
CA LEU E 130 10.75 -5.98 22.70
C LEU E 130 11.55 -7.02 21.90
N VAL E 131 10.83 -7.98 21.30
CA VAL E 131 11.43 -9.10 20.59
C VAL E 131 10.83 -9.20 19.19
N VAL E 132 11.67 -9.07 18.15
CA VAL E 132 11.28 -9.16 16.76
C VAL E 132 12.17 -10.17 16.02
N ASN E 133 11.50 -11.02 15.21
CA ASN E 133 12.14 -12.02 14.37
C ASN E 133 12.14 -11.52 12.91
N ILE E 134 13.32 -11.53 12.27
CA ILE E 134 13.44 -11.01 10.91
C ILE E 134 14.01 -12.09 10.00
N ALA E 135 13.57 -12.08 8.73
CA ALA E 135 14.02 -13.05 7.73
C ALA E 135 15.48 -12.82 7.38
N GLY E 136 16.07 -13.78 6.66
CA GLY E 136 17.51 -13.95 6.68
C GLY E 136 18.25 -13.31 5.50
N SER E 137 17.59 -13.11 4.35
CA SER E 137 18.23 -12.49 3.20
C SER E 137 18.79 -11.11 3.57
N ARG E 138 19.82 -10.70 2.83
CA ARG E 138 20.42 -9.41 3.12
C ARG E 138 19.35 -8.34 2.88
N ALA E 139 18.49 -8.58 1.88
CA ALA E 139 17.46 -7.62 1.50
C ALA E 139 16.49 -7.46 2.66
N ALA E 140 16.02 -8.60 3.16
CA ALA E 140 15.05 -8.63 4.25
C ALA E 140 15.63 -7.96 5.50
N VAL E 141 16.93 -8.13 5.73
CA VAL E 141 17.59 -7.50 6.86
C VAL E 141 17.58 -5.98 6.70
N ARG E 142 17.91 -5.51 5.48
CA ARG E 142 18.00 -4.08 5.26
C ARG E 142 16.63 -3.45 5.33
N ASP E 143 15.59 -4.13 4.79
CA ASP E 143 14.26 -3.55 4.76
C ASP E 143 13.58 -3.68 6.12
N GLY E 144 13.87 -4.75 6.84
CA GLY E 144 13.29 -4.93 8.15
C GLY E 144 13.73 -3.87 9.14
N MET E 145 15.00 -3.44 9.07
CA MET E 145 15.56 -2.59 10.11
C MET E 145 15.15 -1.14 9.85
N ALA E 146 15.11 -0.74 8.57
CA ALA E 146 14.47 0.51 8.18
C ALA E 146 13.08 0.56 8.81
N THR E 147 12.27 -0.49 8.60
CA THR E 147 10.89 -0.42 8.99
C THR E 147 10.78 -0.61 10.51
N LEU E 148 11.70 -1.38 11.11
CA LEU E 148 11.65 -1.68 12.53
C LEU E 148 12.21 -0.55 13.39
N GLY E 149 13.20 0.18 12.87
CA GLY E 149 13.89 1.17 13.68
C GLY E 149 12.92 2.09 14.43
N PRO E 150 12.20 2.98 13.70
CA PRO E 150 11.14 3.78 14.29
C PRO E 150 10.18 3.07 15.23
N LEU E 151 9.68 1.89 14.86
CA LEU E 151 8.62 1.30 15.66
C LEU E 151 9.16 0.88 17.03
N ALA E 152 10.37 0.32 16.99
CA ALA E 152 11.10 -0.08 18.18
C ALA E 152 11.49 1.13 19.04
N VAL E 153 11.83 2.28 18.44
CA VAL E 153 12.08 3.47 19.24
C VAL E 153 10.84 3.79 20.08
N GLN E 154 9.70 3.94 19.41
CA GLN E 154 8.47 4.34 20.08
C GLN E 154 8.10 3.29 21.13
N ILE E 155 8.24 2.00 20.83
CA ILE E 155 7.81 0.99 21.78
C ILE E 155 8.67 1.01 23.03
N ILE E 156 9.96 1.32 22.86
CA ILE E 156 10.88 1.40 24.02
C ILE E 156 10.36 2.52 24.92
N GLY E 157 9.61 3.47 24.34
CA GLY E 157 8.94 4.50 25.17
C GLY E 157 8.13 3.46 25.92
N GLN E 158 8.36 3.30 27.20
CA GLN E 158 7.55 2.40 28.06
C GLN E 158 8.30 2.27 29.38
N LEU F 7 -30.52 4.57 10.35
CA LEU F 7 -30.18 4.25 8.93
C LEU F 7 -29.42 2.93 8.88
N VAL F 8 -28.09 2.96 8.84
CA VAL F 8 -27.34 1.69 8.72
C VAL F 8 -27.56 0.89 10.00
N GLY F 9 -27.37 1.51 11.16
CA GLY F 9 -27.59 0.80 12.41
C GLY F 9 -27.32 1.65 13.66
N ARG F 10 -26.95 1.26 14.85
CA ARG F 10 -26.73 1.68 16.24
C ARG F 10 -25.44 1.05 16.77
N ALA F 11 -25.06 2.01 17.48
CA ALA F 11 -23.73 1.71 17.94
C ALA F 11 -23.57 2.19 19.37
N LEU F 12 -22.65 1.54 20.08
CA LEU F 12 -22.28 1.98 21.41
C LEU F 12 -20.78 2.19 21.42
N VAL F 13 -20.35 3.23 22.15
CA VAL F 13 -18.98 3.69 22.15
C VAL F 13 -18.48 3.61 23.58
N ILE F 14 -17.36 2.90 23.77
CA ILE F 14 -16.71 2.77 25.07
C ILE F 14 -15.38 3.53 25.03
N VAL F 15 -15.18 4.44 25.97
CA VAL F 15 -13.99 5.26 26.05
C VAL F 15 -13.21 4.73 27.24
N VAL F 16 -12.12 4.01 26.94
CA VAL F 16 -11.21 3.42 27.89
C VAL F 16 -10.15 4.46 28.18
N ASP F 17 -10.27 5.14 29.30
CA ASP F 17 -9.32 6.17 29.67
C ASP F 17 -9.42 6.42 31.18
N ASP F 18 -8.26 6.51 31.85
CA ASP F 18 -8.24 6.70 33.29
C ASP F 18 -8.60 8.14 33.65
N ARG F 19 -8.02 9.13 32.93
CA ARG F 19 -8.30 10.53 33.23
C ARG F 19 -9.78 10.83 32.98
N THR F 20 -10.32 10.39 31.85
CA THR F 20 -11.73 10.52 31.51
C THR F 20 -12.60 9.85 32.59
N ALA F 21 -12.20 8.67 33.07
CA ALA F 21 -12.82 8.05 34.24
C ALA F 21 -12.07 8.50 35.51
N GLY F 23 -12.41 12.09 36.38
CA GLY F 23 -13.42 12.37 35.33
C GLY F 23 -13.25 13.73 34.64
N GLU F 24 -12.06 13.99 34.07
CA GLU F 24 -11.81 15.07 33.12
C GLU F 24 -12.63 14.82 31.85
N GLU F 25 -12.56 15.76 30.89
CA GLU F 25 -13.52 15.85 29.81
C GLU F 25 -13.21 14.85 28.69
N ASP F 26 -14.26 14.12 28.28
CA ASP F 26 -14.22 13.20 27.15
C ASP F 26 -14.19 13.94 25.80
N HIS F 27 -13.15 13.71 25.00
CA HIS F 27 -13.09 14.28 23.66
C HIS F 27 -13.39 13.22 22.59
N SER F 28 -12.80 12.04 22.74
CA SER F 28 -13.05 10.89 21.88
C SER F 28 -14.53 10.65 21.64
N GLY F 29 -15.32 10.62 22.72
CA GLY F 29 -16.69 10.15 22.66
C GLY F 29 -17.54 10.95 21.69
N PRO F 30 -17.60 12.32 21.80
CA PRO F 30 -18.25 13.15 20.78
C PRO F 30 -17.72 12.93 19.37
N LEU F 31 -16.38 12.84 19.25
CA LEU F 31 -15.76 12.69 17.94
C LEU F 31 -16.18 11.37 17.27
N VAL F 32 -16.19 10.26 18.04
CA VAL F 32 -16.57 8.97 17.48
C VAL F 32 -18.00 9.09 16.98
N THR F 33 -18.81 9.81 17.74
CA THR F 33 -20.23 9.88 17.44
C THR F 33 -20.49 10.65 16.15
N GLU F 34 -19.77 11.76 15.99
CA GLU F 34 -19.87 12.59 14.81
C GLU F 34 -19.51 11.74 13.61
N LEU F 35 -18.47 10.89 13.74
CA LEU F 35 -17.93 10.19 12.58
C LEU F 35 -18.81 8.98 12.24
N LEU F 36 -19.25 8.25 13.27
CA LEU F 36 -20.18 7.14 13.07
C LEU F 36 -21.45 7.66 12.43
N GLY F 37 -21.87 8.89 12.80
CA GLY F 37 -23.03 9.51 12.17
C GLY F 37 -22.90 9.67 10.64
N GLU F 38 -21.71 10.01 10.14
CA GLU F 38 -21.51 10.26 8.72
C GLU F 38 -21.53 8.93 7.98
N ALA F 39 -21.14 7.86 8.67
CA ALA F 39 -21.17 6.51 8.12
C ALA F 39 -22.59 5.93 8.14
N GLY F 40 -23.48 6.57 8.91
CA GLY F 40 -24.90 6.24 8.92
C GLY F 40 -25.35 5.48 10.18
N PHE F 41 -24.57 5.62 11.27
CA PHE F 41 -24.88 5.00 12.56
C PHE F 41 -25.47 6.06 13.50
N VAL F 42 -26.40 5.61 14.37
CA VAL F 42 -26.82 6.37 15.54
C VAL F 42 -26.05 5.77 16.71
N VAL F 43 -25.39 6.62 17.50
CA VAL F 43 -24.74 6.21 18.72
C VAL F 43 -25.79 6.22 19.82
N ASP F 44 -26.09 5.03 20.33
CA ASP F 44 -27.06 4.85 21.40
C ASP F 44 -26.50 5.43 22.68
N GLY F 45 -25.18 5.55 22.81
CA GLY F 45 -24.58 5.84 24.11
C GLY F 45 -23.06 5.90 24.10
N VAL F 46 -22.46 6.65 25.05
CA VAL F 46 -21.02 6.65 25.29
C VAL F 46 -20.73 6.29 26.75
N VAL F 47 -20.08 5.12 26.95
CA VAL F 47 -19.73 4.62 28.26
C VAL F 47 -18.25 4.84 28.50
N VAL F 48 -17.95 5.47 29.63
CA VAL F 48 -16.60 5.78 30.05
C VAL F 48 -16.21 4.76 31.11
N VAL F 49 -14.91 4.43 31.16
CA VAL F 49 -14.46 3.26 31.90
C VAL F 49 -12.94 3.38 32.08
N ALA F 50 -12.46 2.87 33.21
CA ALA F 50 -11.01 2.97 33.49
C ALA F 50 -10.24 1.88 32.73
N SER F 51 -8.94 2.09 32.52
CA SER F 51 -8.11 1.06 31.87
C SER F 51 -8.12 0.05 33.00
N ASP F 52 -9.01 -0.93 32.90
CA ASP F 52 -9.17 -1.94 33.95
C ASP F 52 -9.89 -3.07 33.23
N GLU F 53 -9.27 -4.25 33.24
CA GLU F 53 -9.67 -5.34 32.35
C GLU F 53 -11.15 -5.68 32.55
N VAL F 54 -11.57 -5.77 33.81
CA VAL F 54 -12.90 -6.26 34.14
C VAL F 54 -13.91 -5.17 33.72
N GLU F 55 -13.68 -3.95 34.20
CA GLU F 55 -14.51 -2.82 33.86
C GLU F 55 -14.74 -2.74 32.35
N ILE F 56 -13.71 -3.00 31.54
CA ILE F 56 -13.87 -2.94 30.11
C ILE F 56 -14.71 -4.13 29.63
N ARG F 57 -14.42 -5.32 30.15
CA ARG F 57 -15.10 -6.54 29.75
C ARG F 57 -16.59 -6.41 30.05
N ASN F 58 -16.92 -5.81 31.19
CA ASN F 58 -18.33 -5.67 31.56
C ASN F 58 -19.02 -4.69 30.62
N ALA F 59 -18.44 -3.48 30.50
CA ALA F 59 -18.93 -2.49 29.56
C ALA F 59 -19.17 -3.13 28.19
N LEU F 60 -18.28 -4.02 27.78
CA LEU F 60 -18.36 -4.57 26.43
C LEU F 60 -19.53 -5.54 26.42
N ASN F 61 -19.48 -6.45 27.39
CA ASN F 61 -20.45 -7.52 27.53
C ASN F 61 -21.87 -6.92 27.58
N THR F 62 -22.07 -5.83 28.35
CA THR F 62 -23.34 -5.12 28.50
C THR F 62 -23.80 -4.55 27.15
N ALA F 63 -22.84 -4.09 26.31
CA ALA F 63 -23.19 -3.44 25.05
C ALA F 63 -23.70 -4.51 24.10
N VAL F 64 -23.00 -5.65 24.07
CA VAL F 64 -23.39 -6.72 23.16
C VAL F 64 -24.78 -7.23 23.54
N ILE F 65 -24.97 -7.47 24.84
CA ILE F 65 -26.24 -7.86 25.42
C ILE F 65 -27.34 -6.90 24.98
N GLY F 66 -27.08 -5.58 25.11
CA GLY F 66 -28.00 -4.53 24.72
C GLY F 66 -28.24 -4.49 23.21
N GLY F 67 -29.14 -3.61 22.77
CA GLY F 67 -29.52 -3.62 21.34
C GLY F 67 -28.57 -2.85 20.45
N VAL F 68 -27.45 -3.46 20.07
CA VAL F 68 -26.42 -2.72 19.30
C VAL F 68 -25.88 -3.60 18.16
N ASP F 69 -25.59 -2.97 17.03
CA ASP F 69 -25.03 -3.61 15.82
C ASP F 69 -23.51 -3.43 15.82
N LEU F 70 -23.02 -2.39 16.49
CA LEU F 70 -21.62 -2.05 16.44
C LEU F 70 -21.19 -1.57 17.82
N VAL F 71 -20.09 -2.13 18.33
CA VAL F 71 -19.47 -1.62 19.54
C VAL F 71 -18.08 -1.14 19.16
N VAL F 72 -17.71 0.04 19.64
CA VAL F 72 -16.40 0.58 19.33
C VAL F 72 -15.77 1.06 20.62
N SER F 73 -14.69 0.40 21.02
CA SER F 73 -13.87 0.85 22.13
C SER F 73 -12.83 1.81 21.57
N VAL F 74 -12.45 2.81 22.36
CA VAL F 74 -11.36 3.71 22.04
C VAL F 74 -10.40 3.69 23.23
N GLY F 75 -9.14 3.29 23.02
CA GLY F 75 -8.09 3.40 24.01
C GLY F 75 -7.65 2.04 24.57
N GLY F 76 -6.51 2.07 25.25
CA GLY F 76 -6.01 0.93 26.02
C GLY F 76 -5.46 -0.19 25.14
N THR F 77 -4.98 0.17 23.94
CA THR F 77 -4.57 -0.78 22.91
C THR F 77 -3.04 -0.85 22.83
N GLY F 78 -2.35 -0.03 23.63
CA GLY F 78 -0.91 0.09 23.57
C GLY F 78 -0.18 -1.03 24.34
N VAL F 79 0.99 -0.68 24.87
CA VAL F 79 1.92 -1.69 25.28
C VAL F 79 2.18 -1.65 26.78
N THR F 80 1.85 -0.52 27.44
CA THR F 80 2.12 -0.35 28.87
C THR F 80 1.40 -1.43 29.69
N PRO F 81 1.63 -1.51 31.02
CA PRO F 81 0.93 -2.51 31.83
C PRO F 81 -0.58 -2.39 31.76
N ARG F 82 -1.09 -1.15 31.61
CA ARG F 82 -2.49 -0.81 31.87
C ARG F 82 -3.36 -0.82 30.59
N ASP F 83 -2.71 -0.81 29.43
CA ASP F 83 -3.40 -1.02 28.17
C ASP F 83 -3.84 -2.48 28.13
N VAL F 84 -5.13 -2.76 28.42
CA VAL F 84 -5.58 -4.12 28.53
C VAL F 84 -6.92 -4.31 27.81
N THR F 85 -7.27 -3.40 26.87
CA THR F 85 -8.52 -3.51 26.15
C THR F 85 -8.59 -4.80 25.32
N PRO F 86 -7.50 -5.22 24.61
CA PRO F 86 -7.51 -6.47 23.85
C PRO F 86 -7.79 -7.69 24.72
N GLU F 87 -7.16 -7.72 25.90
CA GLU F 87 -7.35 -8.81 26.84
C GLU F 87 -8.82 -8.87 27.24
N ALA F 88 -9.39 -7.71 27.55
CA ALA F 88 -10.78 -7.59 27.96
C ALA F 88 -11.73 -8.05 26.87
N THR F 89 -11.34 -7.86 25.61
CA THR F 89 -12.18 -8.06 24.43
C THR F 89 -12.18 -9.52 23.92
N ARG F 90 -11.07 -10.24 24.04
CA ARG F 90 -10.94 -11.56 23.34
C ARG F 90 -12.04 -12.57 23.66
N GLU F 91 -12.27 -12.89 24.92
CA GLU F 91 -13.25 -13.97 25.18
C GLU F 91 -14.58 -13.64 24.51
N LEU F 92 -14.89 -12.37 24.31
CA LEU F 92 -16.23 -12.01 23.79
C LEU F 92 -16.36 -12.38 22.32
N LEU F 93 -15.25 -12.56 21.61
CA LEU F 93 -15.37 -12.80 20.18
C LEU F 93 -15.73 -14.26 19.89
N ASP F 94 -16.58 -14.45 18.88
CA ASP F 94 -16.90 -15.76 18.36
C ASP F 94 -16.08 -16.01 17.09
N ARG F 95 -15.53 -14.93 16.49
CA ARG F 95 -14.89 -15.02 15.18
C ARG F 95 -14.07 -13.78 14.89
N GLU F 96 -12.73 -13.87 14.90
CA GLU F 96 -11.89 -12.71 14.63
C GLU F 96 -12.17 -12.21 13.22
N LEU F 97 -12.10 -10.88 13.03
CA LEU F 97 -12.07 -10.25 11.71
C LEU F 97 -10.74 -9.54 11.57
N LEU F 98 -9.70 -10.33 11.23
CA LEU F 98 -8.31 -9.86 11.14
C LEU F 98 -8.17 -8.75 10.08
N GLY F 99 -8.99 -8.78 9.03
CA GLY F 99 -8.92 -7.78 8.00
C GLY F 99 -9.23 -6.39 8.51
N ILE F 100 -9.99 -6.32 9.62
CA ILE F 100 -10.32 -5.03 10.22
C ILE F 100 -9.11 -4.50 11.00
N SER F 101 -8.66 -5.29 12.00
CA SER F 101 -7.43 -5.02 12.71
C SER F 101 -6.32 -4.61 11.72
N GLU F 102 -6.21 -5.34 10.59
CA GLU F 102 -5.13 -5.15 9.61
C GLU F 102 -5.33 -3.91 8.76
N ALA F 103 -6.55 -3.71 8.27
CA ALA F 103 -6.85 -2.51 7.49
C ALA F 103 -6.54 -1.26 8.30
N LEU F 104 -6.97 -1.29 9.57
CA LEU F 104 -6.74 -0.19 10.50
C LEU F 104 -5.26 0.01 10.77
N ARG F 105 -4.59 -1.04 11.26
CA ARG F 105 -3.17 -0.97 11.59
C ARG F 105 -2.37 -0.43 10.40
N ALA F 106 -2.80 -0.77 9.17
CA ALA F 106 -2.08 -0.42 7.96
C ALA F 106 -2.40 1.01 7.54
N SER F 107 -3.68 1.39 7.61
CA SER F 107 -4.06 2.77 7.32
C SER F 107 -3.27 3.71 8.25
N GLY F 108 -3.30 3.38 9.55
CA GLY F 108 -2.62 4.18 10.55
C GLY F 108 -1.15 4.38 10.21
N LEU F 109 -0.43 3.26 10.06
CA LEU F 109 0.99 3.30 9.71
C LEU F 109 1.20 4.14 8.45
N ALA F 110 0.50 3.82 7.38
CA ALA F 110 0.60 4.62 6.18
C ALA F 110 0.51 6.13 6.50
N ALA F 111 -0.30 6.49 7.51
CA ALA F 111 -0.52 7.90 7.81
C ALA F 111 0.46 8.45 8.84
N GLY F 112 1.31 7.59 9.43
CA GLY F 112 2.33 8.05 10.35
C GLY F 112 1.89 8.01 11.82
N ILE F 113 0.78 7.33 12.10
CA ILE F 113 0.21 7.30 13.43
C ILE F 113 0.60 5.98 14.09
N VAL F 114 1.69 6.05 14.84
CA VAL F 114 2.36 4.83 15.25
C VAL F 114 1.46 4.07 16.24
N ASP F 115 0.54 4.74 16.96
CA ASP F 115 -0.28 4.00 17.94
C ASP F 115 -1.44 3.26 17.27
N ALA F 116 -2.03 3.85 16.22
CA ALA F 116 -2.88 3.09 15.32
C ALA F 116 -2.07 1.96 14.65
N GLY F 117 -0.96 2.32 14.00
CA GLY F 117 -0.07 1.34 13.38
C GLY F 117 0.30 0.14 14.27
N LEU F 118 0.59 0.40 15.55
CA LEU F 118 1.06 -0.67 16.43
C LEU F 118 -0.03 -1.16 17.37
N SER F 119 -1.29 -0.83 17.09
CA SER F 119 -2.34 -1.17 18.03
C SER F 119 -2.48 -2.69 18.16
N ARG F 120 -2.57 -3.16 19.40
CA ARG F 120 -2.92 -4.55 19.68
C ARG F 120 -4.43 -4.81 19.58
N GLY F 121 -5.19 -3.83 19.08
CA GLY F 121 -6.63 -3.93 19.09
C GLY F 121 -7.16 -5.00 18.15
N LEU F 122 -8.27 -5.62 18.58
CA LEU F 122 -8.93 -6.72 17.91
C LEU F 122 -10.18 -6.24 17.20
N ALA F 123 -10.76 -7.16 16.44
CA ALA F 123 -11.99 -6.98 15.68
C ALA F 123 -12.66 -8.34 15.53
N GLY F 124 -13.97 -8.41 15.76
CA GLY F 124 -14.68 -9.68 15.60
C GLY F 124 -16.20 -9.57 15.80
N ILE F 125 -16.91 -10.69 15.56
CA ILE F 125 -18.32 -10.73 15.85
C ILE F 125 -18.43 -11.37 17.22
N SER F 126 -19.25 -10.75 18.07
CA SER F 126 -19.63 -11.31 19.37
C SER F 126 -21.12 -11.59 19.25
N GLY F 127 -21.48 -12.77 18.74
CA GLY F 127 -22.90 -13.09 18.53
C GLY F 127 -23.39 -12.55 17.21
N SER F 128 -23.99 -11.37 17.21
CA SER F 128 -24.46 -10.73 15.97
C SER F 128 -23.94 -9.29 15.95
N THR F 129 -23.04 -8.98 16.89
CA THR F 129 -22.58 -7.61 17.03
C THR F 129 -21.13 -7.52 16.57
N LEU F 130 -20.81 -6.49 15.77
CA LEU F 130 -19.44 -6.21 15.41
C LEU F 130 -18.77 -5.43 16.55
N VAL F 131 -17.70 -5.98 17.13
CA VAL F 131 -16.86 -5.31 18.11
C VAL F 131 -15.52 -4.91 17.47
N VAL F 132 -15.09 -3.66 17.66
CA VAL F 132 -13.78 -3.21 17.19
C VAL F 132 -13.14 -2.27 18.22
N ASN F 133 -11.90 -2.62 18.62
CA ASN F 133 -11.04 -1.80 19.46
C ASN F 133 -10.22 -0.85 18.59
N ILE F 134 -10.20 0.44 18.96
CA ILE F 134 -9.43 1.47 18.27
C ILE F 134 -8.52 2.16 19.28
N ALA F 135 -7.39 2.67 18.77
CA ALA F 135 -6.38 3.33 19.58
C ALA F 135 -6.85 4.73 19.96
N GLY F 136 -6.18 5.33 20.95
CA GLY F 136 -6.70 6.42 21.74
C GLY F 136 -6.36 7.80 21.19
N SER F 137 -5.26 7.93 20.42
CA SER F 137 -4.82 9.25 19.97
C SER F 137 -5.88 9.86 19.05
N ARG F 138 -6.01 11.18 19.04
CA ARG F 138 -7.04 11.81 18.21
C ARG F 138 -6.88 11.41 16.74
N ALA F 139 -5.64 11.50 16.22
CA ALA F 139 -5.30 11.08 14.86
C ALA F 139 -5.80 9.66 14.62
N ALA F 140 -5.60 8.78 15.58
CA ALA F 140 -5.97 7.38 15.40
C ALA F 140 -7.49 7.22 15.40
N VAL F 141 -8.22 8.01 16.20
CA VAL F 141 -9.68 7.93 16.16
C VAL F 141 -10.16 8.41 14.79
N ARG F 142 -9.61 9.53 14.32
CA ARG F 142 -10.02 10.07 13.04
C ARG F 142 -9.77 9.10 11.89
N ASP F 143 -8.62 8.43 11.90
CA ASP F 143 -8.23 7.53 10.77
C ASP F 143 -8.96 6.20 10.85
N GLY F 144 -8.98 5.61 12.03
CA GLY F 144 -9.62 4.29 12.18
C GLY F 144 -11.07 4.37 11.76
N MET F 145 -11.76 5.43 12.16
CA MET F 145 -13.20 5.59 11.84
C MET F 145 -13.35 5.77 10.33
N ALA F 146 -12.49 6.57 9.71
CA ALA F 146 -12.60 6.75 8.27
C ALA F 146 -12.48 5.36 7.62
N THR F 147 -11.62 4.50 8.19
CA THR F 147 -11.36 3.20 7.59
C THR F 147 -12.47 2.24 8.00
N LEU F 148 -12.91 2.33 9.25
CA LEU F 148 -13.90 1.40 9.77
C LEU F 148 -15.28 1.56 9.14
N GLY F 149 -15.77 2.79 8.91
CA GLY F 149 -17.16 3.03 8.57
C GLY F 149 -17.83 2.23 7.44
N PRO F 150 -17.26 2.24 6.21
CA PRO F 150 -17.61 1.28 5.14
C PRO F 150 -17.47 -0.21 5.43
N LEU F 151 -16.42 -0.59 6.13
CA LEU F 151 -16.21 -1.99 6.46
C LEU F 151 -17.35 -2.45 7.36
N ALA F 152 -17.61 -1.73 8.45
CA ALA F 152 -18.74 -2.04 9.33
C ALA F 152 -20.08 -2.01 8.58
N VAL F 153 -20.27 -1.01 7.70
CA VAL F 153 -21.51 -0.94 6.94
C VAL F 153 -21.75 -2.25 6.19
N GLN F 154 -20.69 -2.88 5.68
CA GLN F 154 -20.87 -4.09 4.84
C GLN F 154 -20.99 -5.34 5.70
N ILE F 155 -20.33 -5.34 6.85
CA ILE F 155 -20.42 -6.50 7.78
C ILE F 155 -21.80 -6.50 8.42
N ILE F 156 -22.30 -5.33 8.82
CA ILE F 156 -23.56 -5.37 9.58
C ILE F 156 -24.70 -5.69 8.60
N GLY F 157 -24.43 -5.53 7.30
CA GLY F 157 -25.44 -5.82 6.28
C GLY F 157 -25.50 -7.31 5.96
N GLN F 158 -24.36 -7.98 5.95
CA GLN F 158 -24.33 -9.43 5.67
C GLN F 158 -24.84 -10.19 6.89
N LEU F 159 -25.19 -9.47 7.95
CA LEU F 159 -25.70 -10.12 9.18
C LEU F 159 -27.16 -9.71 9.40
#